data_4W5U
#
_entry.id   4W5U
#
_cell.length_a   183.150
_cell.length_b   183.150
_cell.length_c   130.814
_cell.angle_alpha   90.000
_cell.angle_beta   90.000
_cell.angle_gamma   120.000
#
_symmetry.space_group_name_H-M   'P 61 2 2'
#
loop_
_entity.id
_entity.type
_entity.pdbx_description
1 polymer Chitinase
2 non-polymer 'MALONATE ION'
3 water water
#
_entity_poly.entity_id   1
_entity_poly.type   'polypeptide(L)'
_entity_poly.pdbx_seq_one_letter_code
;MKYLLPTAAAGLLLLAAQPAMAMATDHSPTVETRAAADNGTVKLGYFTEWGTYDRNFNVKNLDTSGTAAKITHINYAFGN
VTGGKCAIGDSYADYDKAFTADQSVSGQADTWDQPLRGNFNQLRQLKAKYPHIKVLWSFGGWTWSGGFADAAKDPQGFAQ
SCYNLVHDPRWDGVFDGIDIDWEYPNACGLTCDSSGPDAFRNLMAALRSTFGDELVTAAVTADGTPGGKIEATDYAGAAQ
YVDWYNVMTYDFFGAWDAQGPTAPHSPLTSYDGIPKQGFTSADAIAAFKAQGVPADKLLLGIGFYGRGWTGVTQDAPGGT
ATGPAAGTWEQGIEDYKVLKNTCPVTGTVAGTAYAHCGSNLWSYDTPDTIASKMAWANDQGLRGAFAWDFSGDTADGELI
AALSNGLA
;
_entity_poly.pdbx_strand_id   B,A
#
loop_
_chem_comp.id
_chem_comp.type
_chem_comp.name
_chem_comp.formula
MLI non-polymer 'MALONATE ION' 'C3 H2 O4 -2'
#
# COMPACT_ATOMS: atom_id res chain seq x y z
N ASN A 39 19.59 -24.45 21.66
CA ASN A 39 18.23 -23.98 21.38
C ASN A 39 17.71 -22.90 22.35
N GLY A 40 18.21 -21.68 22.17
CA GLY A 40 17.93 -20.60 23.09
C GLY A 40 16.77 -19.69 22.69
N THR A 41 16.57 -18.63 23.46
CA THR A 41 15.37 -17.81 23.33
C THR A 41 15.40 -16.76 22.22
N VAL A 42 14.32 -16.71 21.46
CA VAL A 42 14.15 -15.83 20.32
C VAL A 42 13.25 -14.61 20.63
N LYS A 43 13.74 -13.43 20.28
CA LYS A 43 13.04 -12.17 20.44
C LYS A 43 13.02 -11.51 19.06
N LEU A 44 11.92 -11.69 18.35
CA LEU A 44 11.88 -11.31 16.94
C LEU A 44 10.93 -10.13 16.71
N GLY A 45 11.21 -9.35 15.68
CA GLY A 45 10.22 -8.41 15.19
C GLY A 45 10.26 -8.23 13.68
N TYR A 46 9.13 -7.84 13.11
CA TYR A 46 9.00 -7.51 11.71
C TYR A 46 9.37 -6.05 11.31
N PHE A 47 10.26 -5.89 10.31
CA PHE A 47 10.47 -4.58 9.69
C PHE A 47 9.71 -4.51 8.35
N THR A 48 8.85 -3.52 8.16
CA THR A 48 8.08 -3.42 6.93
C THR A 48 8.80 -2.56 5.93
N GLU A 49 8.83 -3.04 4.70
CA GLU A 49 9.51 -2.41 3.58
C GLU A 49 8.98 -1.02 3.26
N TRP A 50 7.66 -0.86 3.30
CA TRP A 50 7.03 0.42 2.95
C TRP A 50 7.08 1.47 4.10
N GLY A 51 7.71 1.09 5.23
CA GLY A 51 7.86 2.02 6.33
C GLY A 51 8.67 3.23 5.90
N THR A 52 9.51 3.06 4.88
CA THR A 52 10.46 4.08 4.47
C THR A 52 9.80 5.18 3.62
N TYR A 53 8.54 4.97 3.29
CA TYR A 53 7.83 5.94 2.46
C TYR A 53 7.10 6.94 3.36
N ASP A 54 5.77 6.94 3.29
CA ASP A 54 4.99 7.97 4.00
C ASP A 54 5.12 7.87 5.53
N ARG A 55 5.20 6.67 6.10
CA ARG A 55 5.31 6.51 7.56
C ARG A 55 6.66 6.95 8.13
N ASN A 56 7.61 7.22 7.25
CA ASN A 56 8.96 7.59 7.68
C ASN A 56 9.59 6.76 8.81
N PHE A 57 9.31 5.46 8.87
CA PHE A 57 9.99 4.58 9.81
C PHE A 57 11.13 3.77 9.12
N ASN A 58 12.38 4.10 9.46
CA ASN A 58 13.55 3.53 8.82
C ASN A 58 14.30 2.59 9.72
N VAL A 59 15.33 1.93 9.20
CA VAL A 59 16.12 0.99 9.98
C VAL A 59 16.92 1.72 11.07
N LYS A 60 17.40 2.92 10.77
CA LYS A 60 18.00 3.78 11.80
C LYS A 60 17.09 3.87 13.06
N ASN A 61 15.77 3.80 12.88
CA ASN A 61 14.86 3.83 14.02
C ASN A 61 15.01 2.65 14.94
N LEU A 62 15.33 1.47 14.41
CA LEU A 62 15.53 0.33 15.30
C LEU A 62 16.73 0.60 16.18
N ASP A 63 17.67 1.37 15.66
CA ASP A 63 18.85 1.68 16.45
C ASP A 63 18.51 2.72 17.54
N THR A 64 18.04 3.91 17.13
CA THR A 64 17.74 5.00 18.08
C THR A 64 16.73 4.64 19.20
N SER A 65 15.82 3.72 18.93
CA SER A 65 14.84 3.31 19.92
C SER A 65 15.39 2.26 20.88
N GLY A 66 16.64 1.86 20.66
CA GLY A 66 17.27 0.81 21.44
C GLY A 66 16.77 -0.59 21.11
N THR A 67 15.87 -0.67 20.15
CA THR A 67 15.26 -1.94 19.78
C THR A 67 16.33 -2.95 19.33
N ALA A 68 17.24 -2.47 18.51
CA ALA A 68 18.24 -3.34 17.95
C ALA A 68 19.08 -4.01 19.06
N ALA A 69 19.24 -3.32 20.19
CA ALA A 69 20.03 -3.92 21.27
C ALA A 69 19.30 -5.05 22.02
N LYS A 70 17.97 -5.05 21.97
CA LYS A 70 17.21 -5.96 22.80
C LYS A 70 16.64 -7.16 22.03
N ILE A 71 16.66 -7.12 20.70
CA ILE A 71 16.16 -8.25 19.92
C ILE A 71 17.24 -9.23 19.46
N THR A 72 16.80 -10.36 18.90
CA THR A 72 17.68 -11.40 18.40
C THR A 72 17.52 -11.65 16.87
N HIS A 73 16.33 -11.36 16.34
CA HIS A 73 16.05 -11.55 14.92
C HIS A 73 15.18 -10.43 14.33
N ILE A 74 15.32 -10.20 13.03
CA ILE A 74 14.47 -9.29 12.27
C ILE A 74 13.99 -10.02 11.02
N ASN A 75 12.68 -9.95 10.79
CA ASN A 75 12.09 -10.38 9.55
C ASN A 75 11.87 -9.13 8.74
N TYR A 76 12.34 -9.15 7.51
CA TYR A 76 12.08 -8.08 6.57
C TYR A 76 10.84 -8.49 5.76
N ALA A 77 9.80 -7.64 5.72
CA ALA A 77 8.52 -7.97 5.06
C ALA A 77 8.12 -6.96 3.99
N PHE A 78 7.71 -7.38 2.79
CA PHE A 78 7.64 -8.75 2.31
C PHE A 78 8.26 -8.89 0.93
N GLY A 79 8.64 -10.11 0.59
CA GLY A 79 8.97 -10.45 -0.77
C GLY A 79 7.70 -11.01 -1.39
N ASN A 80 7.64 -10.94 -2.71
CA ASN A 80 6.49 -11.37 -3.47
C ASN A 80 6.61 -12.84 -3.82
N VAL A 81 5.55 -13.42 -4.39
CA VAL A 81 5.62 -14.76 -4.95
C VAL A 81 5.01 -14.82 -6.36
N THR A 82 5.83 -14.99 -7.39
CA THR A 82 5.32 -14.92 -8.76
C THR A 82 5.79 -16.09 -9.57
N GLY A 83 4.88 -16.66 -10.36
CA GLY A 83 5.25 -17.75 -11.24
C GLY A 83 5.86 -18.92 -10.49
N GLY A 84 5.46 -19.11 -9.25
CA GLY A 84 5.91 -20.26 -8.50
C GLY A 84 7.26 -20.09 -7.90
N LYS A 85 7.75 -18.86 -7.93
CA LYS A 85 9.10 -18.56 -7.46
C LYS A 85 9.07 -17.41 -6.46
N CYS A 86 10.09 -17.30 -5.63
CA CYS A 86 10.29 -16.07 -4.87
C CYS A 86 10.56 -14.91 -5.79
N ALA A 87 10.07 -13.73 -5.46
CA ALA A 87 10.37 -12.54 -6.24
C ALA A 87 10.50 -11.31 -5.35
N ILE A 88 11.25 -10.34 -5.85
CA ILE A 88 11.40 -9.09 -5.16
C ILE A 88 10.02 -8.42 -4.92
N GLY A 89 9.90 -7.63 -3.85
CA GLY A 89 8.65 -6.94 -3.57
C GLY A 89 8.58 -5.53 -4.10
N ASP A 90 9.49 -4.68 -3.62
CA ASP A 90 9.63 -3.29 -4.10
C ASP A 90 11.12 -3.04 -4.38
N SER A 91 11.47 -3.02 -5.66
CA SER A 91 12.88 -2.95 -6.03
C SER A 91 13.49 -1.64 -5.50
N TYR A 92 12.75 -0.54 -5.61
CA TYR A 92 13.31 0.75 -5.19
C TYR A 92 13.63 0.77 -3.71
N ALA A 93 12.67 0.33 -2.91
CA ALA A 93 12.80 0.34 -1.46
C ALA A 93 13.81 -0.70 -1.01
N ASP A 94 13.84 -1.86 -1.66
CA ASP A 94 14.67 -2.97 -1.17
C ASP A 94 16.17 -2.71 -1.41
N TYR A 95 16.57 -2.20 -2.58
CA TYR A 95 18.02 -2.07 -2.84
C TYR A 95 18.53 -0.86 -3.62
N ASP A 96 17.66 0.04 -4.09
CA ASP A 96 18.12 1.19 -4.89
C ASP A 96 18.05 2.57 -4.21
N LYS A 97 17.11 2.76 -3.28
CA LYS A 97 16.95 4.06 -2.61
C LYS A 97 18.25 4.58 -1.99
N ALA A 98 18.59 5.83 -2.31
CA ALA A 98 19.73 6.50 -1.69
C ALA A 98 19.38 7.16 -0.34
N PHE A 99 20.00 6.68 0.74
CA PHE A 99 19.75 7.33 2.01
C PHE A 99 20.70 8.51 2.26
N THR A 100 20.25 9.49 3.04
CA THR A 100 21.06 10.69 3.28
C THR A 100 21.84 10.50 4.55
N ALA A 101 22.73 11.43 4.86
CA ALA A 101 23.60 11.24 6.02
C ALA A 101 22.75 11.12 7.29
N ASP A 102 21.73 11.96 7.38
CA ASP A 102 20.98 12.10 8.63
C ASP A 102 19.77 11.15 8.72
N GLN A 103 19.67 10.19 7.82
CA GLN A 103 18.59 9.23 7.93
C GLN A 103 19.12 7.80 7.89
N SER A 104 20.42 7.67 7.61
CA SER A 104 21.07 6.38 7.49
C SER A 104 21.59 5.90 8.83
N VAL A 105 21.76 4.59 8.93
CA VAL A 105 22.16 3.94 10.16
C VAL A 105 23.63 4.21 10.52
N SER A 106 24.51 4.14 9.52
CA SER A 106 25.95 4.35 9.72
C SER A 106 26.29 5.81 9.88
N GLY A 107 25.35 6.67 9.49
CA GLY A 107 25.55 8.12 9.53
C GLY A 107 26.14 8.68 8.25
N GLN A 108 26.44 7.81 7.29
CA GLN A 108 26.98 8.22 5.98
C GLN A 108 25.97 8.09 4.84
N ALA A 109 25.96 9.09 3.93
CA ALA A 109 25.03 9.04 2.79
C ALA A 109 25.43 7.98 1.74
N ASP A 110 24.43 7.42 1.09
CA ASP A 110 24.68 6.43 0.06
C ASP A 110 25.25 7.13 -1.14
N THR A 111 25.92 6.39 -2.00
CA THR A 111 26.54 6.94 -3.18
C THR A 111 26.09 6.25 -4.42
N TRP A 112 26.20 6.95 -5.54
CA TRP A 112 25.85 6.42 -6.83
C TRP A 112 26.71 5.23 -7.21
N ASP A 113 27.97 5.29 -6.85
CA ASP A 113 28.89 4.23 -7.18
C ASP A 113 28.59 3.00 -6.38
N GLN A 114 27.76 3.15 -5.37
CA GLN A 114 27.56 2.08 -4.43
C GLN A 114 26.91 0.86 -5.03
N PRO A 115 27.42 -0.31 -4.67
CA PRO A 115 26.80 -1.54 -5.11
C PRO A 115 25.40 -1.76 -4.55
N LEU A 116 25.22 -1.46 -3.27
CA LEU A 116 23.98 -1.76 -2.58
C LEU A 116 23.46 -0.53 -1.91
N ARG A 117 22.15 -0.41 -1.86
CA ARG A 117 21.50 0.77 -1.33
C ARG A 117 20.13 0.37 -0.90
N GLY A 118 19.37 1.29 -0.35
CA GLY A 118 18.02 1.00 0.02
C GLY A 118 17.97 0.33 1.36
N ASN A 119 16.88 -0.33 1.67
CA ASN A 119 16.70 -0.97 2.96
C ASN A 119 17.70 -2.05 3.28
N PHE A 120 18.11 -2.79 2.25
CA PHE A 120 19.09 -3.84 2.40
C PHE A 120 20.43 -3.27 2.84
N ASN A 121 20.89 -2.19 2.21
CA ASN A 121 22.14 -1.59 2.65
C ASN A 121 22.05 -1.12 4.09
N GLN A 122 20.89 -0.63 4.52
CA GLN A 122 20.70 -0.15 5.88
C GLN A 122 20.75 -1.34 6.86
N LEU A 123 20.14 -2.44 6.45
CA LEU A 123 20.22 -3.66 7.24
C LEU A 123 21.68 -4.09 7.39
N ARG A 124 22.44 -3.95 6.31
CA ARG A 124 23.86 -4.26 6.29
C ARG A 124 24.56 -3.39 7.33
N GLN A 125 24.28 -2.09 7.28
CA GLN A 125 24.89 -1.14 8.21
C GLN A 125 24.48 -1.45 9.66
N LEU A 126 23.23 -1.86 9.89
CA LEU A 126 22.80 -2.26 11.23
C LEU A 126 23.50 -3.52 11.77
N LYS A 127 23.62 -4.56 10.98
CA LYS A 127 24.28 -5.79 11.46
C LYS A 127 25.75 -5.56 11.78
N ALA A 128 26.36 -4.60 11.10
CA ALA A 128 27.75 -4.29 11.39
C ALA A 128 27.87 -3.69 12.78
N LYS A 129 26.85 -2.93 13.17
CA LYS A 129 26.82 -2.28 14.46
C LYS A 129 26.42 -3.27 15.56
N TYR A 130 25.48 -4.15 15.20
CA TYR A 130 24.85 -5.07 16.15
C TYR A 130 24.97 -6.50 15.62
N PRO A 131 26.18 -7.07 15.72
CA PRO A 131 26.61 -8.29 15.00
C PRO A 131 25.90 -9.59 15.40
N HIS A 132 25.18 -9.59 16.51
CA HIS A 132 24.55 -10.82 17.01
C HIS A 132 23.15 -10.98 16.32
N ILE A 133 22.63 -9.87 15.81
CA ILE A 133 21.37 -9.90 15.10
C ILE A 133 21.40 -10.74 13.82
N LYS A 134 20.33 -11.51 13.63
CA LYS A 134 20.09 -12.25 12.39
C LYS A 134 18.83 -11.74 11.73
N VAL A 135 18.83 -11.72 10.40
CA VAL A 135 17.77 -11.11 9.62
C VAL A 135 17.19 -12.14 8.67
N LEU A 136 15.88 -12.29 8.64
CA LEU A 136 15.30 -13.21 7.67
C LEU A 136 14.51 -12.39 6.68
N TRP A 137 14.43 -12.84 5.45
CA TRP A 137 13.62 -12.20 4.43
C TRP A 137 12.30 -12.92 4.41
N SER A 138 11.23 -12.15 4.45
CA SER A 138 9.91 -12.73 4.62
C SER A 138 9.10 -12.63 3.34
N PHE A 139 8.46 -13.74 2.97
CA PHE A 139 7.72 -13.80 1.72
C PHE A 139 6.23 -14.11 1.88
N GLY A 140 5.41 -13.31 1.24
CA GLY A 140 3.97 -13.56 1.23
C GLY A 140 3.27 -12.38 1.81
N GLY A 141 2.58 -12.61 2.91
CA GLY A 141 1.78 -11.58 3.53
C GLY A 141 0.35 -11.74 3.07
N TRP A 142 -0.54 -10.93 3.64
CA TRP A 142 -1.96 -10.95 3.35
C TRP A 142 -2.23 -10.73 1.88
N THR A 143 -1.53 -9.76 1.34
CA THR A 143 -1.72 -9.33 -0.05
C THR A 143 -1.07 -10.29 -1.07
N TRP A 144 0.13 -10.75 -0.76
CA TRP A 144 0.87 -11.54 -1.72
C TRP A 144 0.90 -13.02 -1.40
N SER A 145 -0.23 -13.60 -1.04
CA SER A 145 -0.17 -15.02 -0.76
C SER A 145 -0.86 -15.79 -1.86
N GLY A 146 -1.39 -15.07 -2.86
CA GLY A 146 -2.14 -15.72 -3.94
C GLY A 146 -1.27 -16.68 -4.75
N GLY A 147 0.02 -16.36 -4.88
CA GLY A 147 0.93 -17.16 -5.65
C GLY A 147 1.45 -18.45 -5.01
N PHE A 148 1.11 -18.73 -3.75
CA PHE A 148 1.68 -19.92 -3.11
C PHE A 148 1.14 -21.24 -3.68
N ALA A 149 -0.06 -21.24 -4.26
CA ALA A 149 -0.58 -22.45 -4.85
C ALA A 149 0.22 -22.94 -6.05
N ASP A 150 0.63 -22.00 -6.91
CA ASP A 150 1.43 -22.37 -8.09
C ASP A 150 2.79 -22.87 -7.55
N ALA A 151 3.36 -22.13 -6.61
CA ALA A 151 4.54 -22.59 -5.90
C ALA A 151 4.42 -23.98 -5.25
N ALA A 152 3.30 -24.29 -4.61
CA ALA A 152 3.17 -25.60 -3.99
C ALA A 152 3.07 -26.74 -5.03
N LYS A 153 2.82 -26.41 -6.31
CA LYS A 153 2.82 -27.39 -7.39
C LYS A 153 4.25 -27.85 -7.90
N ASP A 154 5.27 -27.02 -7.70
CA ASP A 154 6.65 -27.40 -7.89
C ASP A 154 7.47 -26.74 -6.81
N PRO A 155 7.59 -27.43 -5.69
CA PRO A 155 8.22 -26.89 -4.50
C PRO A 155 9.74 -26.76 -4.62
N GLN A 156 10.41 -27.68 -5.30
CA GLN A 156 11.90 -27.65 -5.39
C GLN A 156 12.32 -26.42 -6.18
N GLY A 157 11.57 -26.13 -7.24
CA GLY A 157 11.72 -24.91 -8.00
C GLY A 157 11.48 -23.67 -7.16
N PHE A 158 10.36 -23.64 -6.43
CA PHE A 158 10.13 -22.54 -5.50
C PHE A 158 11.35 -22.39 -4.54
N ALA A 159 11.80 -23.49 -3.94
CA ALA A 159 12.90 -23.43 -2.96
C ALA A 159 14.21 -22.89 -3.52
N GLN A 160 14.59 -23.44 -4.68
CA GLN A 160 15.79 -23.02 -5.38
C GLN A 160 15.73 -21.54 -5.73
N SER A 161 14.57 -21.08 -6.23
CA SER A 161 14.45 -19.67 -6.62
C SER A 161 14.62 -18.74 -5.44
N CYS A 162 14.09 -19.14 -4.31
CA CYS A 162 14.14 -18.33 -3.10
C CYS A 162 15.54 -18.20 -2.58
N TYR A 163 16.24 -19.34 -2.52
CA TYR A 163 17.61 -19.36 -2.03
C TYR A 163 18.49 -18.44 -2.88
N ASN A 164 18.34 -18.54 -4.20
CA ASN A 164 19.14 -17.72 -5.13
C ASN A 164 18.85 -16.22 -4.98
N LEU A 165 17.64 -15.89 -4.54
CA LEU A 165 17.28 -14.48 -4.35
C LEU A 165 17.79 -13.99 -2.99
N VAL A 166 17.57 -14.79 -1.96
CA VAL A 166 18.05 -14.43 -0.66
C VAL A 166 19.60 -14.28 -0.69
N HIS A 167 20.26 -15.05 -1.55
CA HIS A 167 21.72 -14.94 -1.61
C HIS A 167 22.24 -14.30 -2.91
N ASP A 168 21.43 -13.42 -3.51
CA ASP A 168 21.84 -12.64 -4.67
C ASP A 168 23.17 -11.97 -4.35
N PRO A 169 24.12 -12.05 -5.29
CA PRO A 169 25.48 -11.51 -5.09
C PRO A 169 25.47 -10.05 -4.68
N ARG A 170 24.43 -9.29 -5.09
CA ARG A 170 24.35 -7.86 -4.71
C ARG A 170 24.26 -7.67 -3.19
N TRP A 171 23.67 -8.64 -2.49
CA TRP A 171 23.50 -8.50 -1.02
C TRP A 171 23.71 -9.81 -0.26
N ASP A 172 24.50 -10.71 -0.82
CA ASP A 172 24.82 -11.96 -0.17
C ASP A 172 25.42 -11.56 1.16
N GLY A 173 25.00 -12.20 2.24
CA GLY A 173 25.56 -11.94 3.55
C GLY A 173 24.55 -11.25 4.43
N VAL A 174 23.57 -10.63 3.80
CA VAL A 174 22.69 -9.76 4.55
C VAL A 174 21.63 -10.57 5.27
N PHE A 175 21.16 -11.63 4.63
CA PHE A 175 20.12 -12.48 5.21
C PHE A 175 20.66 -13.81 5.71
N ASP A 176 20.12 -14.27 6.84
CA ASP A 176 20.55 -15.50 7.53
C ASP A 176 19.53 -16.63 7.38
N GLY A 177 18.54 -16.42 6.51
CA GLY A 177 17.45 -17.37 6.36
C GLY A 177 16.21 -16.77 5.74
N ILE A 178 15.15 -17.58 5.66
CA ILE A 178 13.94 -17.18 4.95
C ILE A 178 12.71 -17.47 5.82
N ASP A 179 11.70 -16.59 5.72
CA ASP A 179 10.40 -16.70 6.45
C ASP A 179 9.26 -16.77 5.44
N ILE A 180 8.39 -17.76 5.60
CA ILE A 180 7.22 -17.88 4.71
C ILE A 180 5.90 -17.50 5.39
N ASP A 181 5.33 -16.40 4.94
CA ASP A 181 4.14 -15.89 5.55
C ASP A 181 2.94 -16.18 4.61
N TRP A 182 2.57 -17.46 4.50
CA TRP A 182 1.48 -17.90 3.60
C TRP A 182 0.12 -17.84 4.27
N GLU A 183 -0.72 -16.95 3.77
CA GLU A 183 -2.05 -16.74 4.29
C GLU A 183 -3.14 -16.97 3.24
N TYR A 184 -3.70 -18.17 3.18
CA TYR A 184 -3.39 -19.27 4.11
C TYR A 184 -3.50 -20.62 3.42
N PRO A 185 -2.66 -21.59 3.84
CA PRO A 185 -2.62 -22.89 3.21
C PRO A 185 -3.84 -23.71 3.52
N ASN A 186 -4.48 -24.15 2.44
CA ASN A 186 -5.70 -24.93 2.45
C ASN A 186 -6.83 -24.23 3.22
N ALA A 187 -6.84 -22.91 3.11
CA ALA A 187 -7.85 -22.12 3.78
C ALA A 187 -7.98 -20.73 3.15
N CYS A 188 -8.76 -19.87 3.79
CA CYS A 188 -9.11 -18.60 3.21
C CYS A 188 -8.45 -17.41 3.92
N GLY A 189 -7.81 -16.56 3.13
CA GLY A 189 -7.29 -15.30 3.61
C GLY A 189 -7.86 -14.22 2.72
N LEU A 190 -6.99 -13.45 2.07
CA LEU A 190 -7.46 -12.51 1.08
C LEU A 190 -8.01 -13.31 -0.08
N THR A 191 -7.37 -14.45 -0.30
CA THR A 191 -7.89 -15.42 -1.26
C THR A 191 -7.98 -16.80 -0.65
N CYS A 192 -8.83 -17.59 -1.29
CA CYS A 192 -9.07 -18.96 -0.86
C CYS A 192 -8.10 -19.91 -1.59
N ASP A 193 -7.46 -20.78 -0.83
CA ASP A 193 -6.57 -21.79 -1.36
C ASP A 193 -7.11 -23.19 -1.05
N SER A 194 -6.99 -24.11 -2.01
CA SER A 194 -7.36 -25.52 -1.83
C SER A 194 -6.25 -26.45 -2.33
N SER A 195 -5.07 -26.30 -1.75
CA SER A 195 -3.91 -27.09 -2.14
C SER A 195 -3.78 -28.39 -1.38
N GLY A 196 -4.65 -28.59 -0.39
CA GLY A 196 -4.55 -29.74 0.48
C GLY A 196 -3.73 -29.50 1.73
N PRO A 197 -3.86 -30.42 2.67
CA PRO A 197 -3.25 -30.29 3.99
C PRO A 197 -1.74 -30.49 4.01
N ASP A 198 -1.21 -31.06 2.94
CA ASP A 198 0.23 -31.38 2.92
C ASP A 198 1.07 -30.46 2.02
N ALA A 199 0.45 -29.47 1.39
CA ALA A 199 1.16 -28.53 0.55
C ALA A 199 2.17 -27.74 1.36
N PHE A 200 1.74 -27.30 2.51
CA PHE A 200 2.57 -26.49 3.35
C PHE A 200 3.79 -27.27 3.76
N ARG A 201 3.61 -28.53 4.06
CA ARG A 201 4.74 -29.37 4.42
C ARG A 201 5.72 -29.53 3.29
N ASN A 202 5.20 -29.71 2.10
CA ASN A 202 6.04 -29.91 0.96
C ASN A 202 6.91 -28.72 0.70
N LEU A 203 6.34 -27.55 0.84
CA LEU A 203 7.07 -26.33 0.65
C LEU A 203 8.16 -26.12 1.64
N MET A 204 7.89 -26.39 2.89
CA MET A 204 8.88 -26.25 3.92
C MET A 204 9.99 -27.24 3.84
N ALA A 205 9.68 -28.46 3.43
CA ALA A 205 10.69 -29.47 3.29
C ALA A 205 11.66 -29.10 2.21
N ALA A 206 11.15 -28.57 1.14
CA ALA A 206 11.94 -28.11 0.03
C ALA A 206 12.90 -27.02 0.43
N LEU A 207 12.39 -26.06 1.20
CA LEU A 207 13.17 -24.92 1.69
C LEU A 207 14.27 -25.43 2.58
N ARG A 208 13.94 -26.39 3.44
CA ARG A 208 14.93 -26.92 4.37
C ARG A 208 16.04 -27.56 3.53
N SER A 209 15.67 -28.30 2.49
CA SER A 209 16.64 -29.02 1.67
C SER A 209 17.60 -28.04 1.01
N THR A 210 17.09 -26.91 0.49
CA THR A 210 17.97 -25.99 -0.24
C THR A 210 18.57 -24.92 0.66
N PHE A 211 18.04 -24.72 1.87
CA PHE A 211 18.63 -23.75 2.80
C PHE A 211 19.54 -24.36 3.87
N GLY A 212 19.54 -25.65 4.00
CA GLY A 212 20.47 -26.29 4.90
C GLY A 212 20.35 -25.91 6.37
N ASP A 213 21.40 -25.29 6.89
CA ASP A 213 21.58 -24.98 8.30
C ASP A 213 21.23 -23.52 8.61
N GLU A 214 20.75 -22.82 7.59
CA GLU A 214 20.26 -21.46 7.77
C GLU A 214 18.84 -21.53 8.32
N LEU A 215 18.23 -20.36 8.53
CA LEU A 215 16.90 -20.33 9.14
C LEU A 215 15.78 -20.54 8.15
N VAL A 216 14.85 -21.43 8.49
CA VAL A 216 13.60 -21.53 7.72
C VAL A 216 12.47 -21.41 8.73
N THR A 217 11.79 -20.27 8.71
CA THR A 217 10.65 -20.10 9.61
C THR A 217 9.40 -19.79 8.83
N ALA A 218 8.26 -19.88 9.50
CA ALA A 218 6.99 -19.50 8.88
C ALA A 218 6.07 -18.84 9.86
N ALA A 219 5.21 -17.95 9.37
CA ALA A 219 4.15 -17.38 10.20
C ALA A 219 2.80 -18.11 10.01
N VAL A 220 2.08 -18.34 11.09
CA VAL A 220 0.93 -19.23 10.99
C VAL A 220 -0.35 -18.74 11.66
N THR A 221 -1.47 -19.31 11.22
CA THR A 221 -2.78 -18.86 11.67
C THR A 221 -2.95 -19.14 13.13
N ALA A 222 -3.76 -18.35 13.80
CA ALA A 222 -3.97 -18.64 15.21
C ALA A 222 -5.41 -19.12 15.44
N ASP A 223 -6.02 -19.68 14.40
CA ASP A 223 -7.40 -20.20 14.46
C ASP A 223 -7.46 -21.66 14.96
N GLY A 224 -7.81 -21.82 16.24
CA GLY A 224 -7.89 -23.16 16.82
C GLY A 224 -9.26 -23.79 16.86
N THR A 225 -10.26 -23.13 16.27
CA THR A 225 -11.64 -23.61 16.34
C THR A 225 -11.86 -24.80 15.42
N PRO A 226 -12.87 -25.63 15.73
CA PRO A 226 -13.30 -26.68 14.81
C PRO A 226 -13.55 -26.20 13.38
N GLY A 227 -12.95 -26.93 12.43
CA GLY A 227 -13.07 -26.64 11.01
C GLY A 227 -12.34 -25.39 10.62
N GLY A 228 -11.47 -24.94 11.51
CA GLY A 228 -10.70 -23.71 11.35
C GLY A 228 -9.40 -23.93 10.59
N LYS A 229 -8.56 -22.91 10.61
CA LYS A 229 -7.41 -22.86 9.73
C LYS A 229 -6.25 -23.81 10.10
N ILE A 230 -6.08 -24.05 11.39
CA ILE A 230 -5.09 -25.00 11.85
C ILE A 230 -5.56 -26.42 11.52
N GLU A 231 -6.84 -26.71 11.66
CA GLU A 231 -7.31 -28.05 11.37
C GLU A 231 -7.16 -28.32 9.87
N ALA A 232 -6.95 -27.26 9.07
CA ALA A 232 -7.01 -27.40 7.59
C ALA A 232 -5.74 -27.89 6.96
N THR A 233 -4.61 -27.69 7.64
CA THR A 233 -3.29 -28.02 7.14
C THR A 233 -2.56 -28.84 8.21
N ASP A 234 -1.66 -29.73 7.80
CA ASP A 234 -0.83 -30.45 8.74
C ASP A 234 0.41 -29.64 9.08
N TYR A 235 0.29 -28.85 10.14
CA TYR A 235 1.38 -28.00 10.60
C TYR A 235 2.35 -28.84 11.47
N ALA A 236 1.86 -29.92 12.06
CA ALA A 236 2.70 -30.76 12.92
C ALA A 236 3.75 -31.47 12.08
N GLY A 237 3.33 -31.96 10.92
CA GLY A 237 4.22 -32.63 9.99
C GLY A 237 5.28 -31.72 9.41
N ALA A 238 4.89 -30.53 8.99
CA ALA A 238 5.80 -29.52 8.50
C ALA A 238 6.71 -29.01 9.61
N ALA A 239 6.28 -29.18 10.86
CA ALA A 239 7.02 -28.61 11.98
C ALA A 239 8.49 -29.08 12.05
N GLN A 240 8.75 -30.32 11.66
CA GLN A 240 10.12 -30.87 11.74
C GLN A 240 11.10 -30.17 10.80
N TYR A 241 10.61 -29.49 9.76
CA TYR A 241 11.50 -28.78 8.83
C TYR A 241 11.74 -27.33 9.22
N VAL A 242 10.90 -26.75 10.07
CA VAL A 242 11.12 -25.33 10.36
C VAL A 242 11.91 -25.12 11.63
N ASP A 243 12.56 -23.97 11.75
CA ASP A 243 13.23 -23.67 12.99
C ASP A 243 12.23 -23.27 14.06
N TRP A 244 11.18 -22.55 13.65
CA TRP A 244 10.04 -22.19 14.51
C TRP A 244 8.91 -21.60 13.71
N TYR A 245 7.75 -21.51 14.37
CA TYR A 245 6.55 -20.91 13.81
C TYR A 245 6.28 -19.56 14.47
N ASN A 246 6.06 -18.53 13.67
CA ASN A 246 5.56 -17.24 14.16
C ASN A 246 4.02 -17.23 14.25
N VAL A 247 3.46 -17.45 15.46
CA VAL A 247 1.98 -17.61 15.56
C VAL A 247 1.18 -16.28 15.65
N MET A 248 0.32 -16.02 14.67
CA MET A 248 -0.35 -14.72 14.59
C MET A 248 -1.57 -14.59 15.54
N THR A 249 -1.19 -14.56 16.82
CA THR A 249 -2.08 -14.44 17.96
C THR A 249 -2.44 -12.98 18.21
N TYR A 250 -3.12 -12.40 17.22
CA TYR A 250 -3.65 -11.06 17.26
C TYR A 250 -4.69 -11.00 16.12
N ASP A 251 -5.39 -9.88 15.99
CA ASP A 251 -6.47 -9.77 15.00
C ASP A 251 -7.53 -10.86 15.17
N PHE A 252 -7.80 -11.25 16.42
CA PHE A 252 -8.85 -12.22 16.69
C PHE A 252 -10.23 -11.60 16.50
N PHE A 253 -10.35 -10.31 16.82
CA PHE A 253 -11.59 -9.57 16.72
C PHE A 253 -11.23 -8.15 16.30
N GLY A 254 -12.15 -7.46 15.65
CA GLY A 254 -11.84 -6.13 15.16
C GLY A 254 -12.99 -5.49 14.44
N ALA A 255 -12.81 -4.26 13.96
CA ALA A 255 -13.93 -3.45 13.49
C ALA A 255 -14.33 -3.74 12.03
N TRP A 256 -14.06 -4.96 11.57
CA TRP A 256 -14.67 -5.44 10.35
C TRP A 256 -16.07 -5.98 10.66
N ASP A 257 -16.28 -6.26 11.96
CA ASP A 257 -17.60 -6.47 12.59
C ASP A 257 -18.02 -5.11 13.15
N ALA A 258 -18.42 -4.26 12.22
CA ALA A 258 -18.50 -2.83 12.44
C ALA A 258 -19.55 -2.44 13.48
N GLN A 259 -20.61 -3.26 13.62
CA GLN A 259 -21.64 -2.95 14.60
C GLN A 259 -21.29 -3.58 15.96
N GLY A 260 -20.12 -4.21 16.03
CA GLY A 260 -19.73 -4.95 17.22
C GLY A 260 -20.14 -6.42 17.11
N PRO A 261 -20.11 -7.16 18.23
CA PRO A 261 -19.79 -6.70 19.59
C PRO A 261 -18.31 -6.39 19.73
N THR A 262 -17.97 -5.46 20.62
CA THR A 262 -16.56 -5.09 20.81
C THR A 262 -15.82 -6.11 21.68
N ALA A 263 -14.55 -6.33 21.37
CA ALA A 263 -13.74 -7.31 22.09
C ALA A 263 -12.24 -7.09 21.82
N PRO A 264 -11.37 -7.49 22.77
CA PRO A 264 -9.92 -7.35 22.60
C PRO A 264 -9.41 -8.15 21.41
N HIS A 265 -8.47 -7.60 20.63
CA HIS A 265 -8.09 -8.29 19.42
C HIS A 265 -7.01 -9.33 19.74
N SER A 266 -6.37 -9.17 20.87
CA SER A 266 -5.28 -10.08 21.22
C SER A 266 -5.43 -10.56 22.68
N PRO A 267 -6.54 -11.27 22.99
CA PRO A 267 -6.71 -11.81 24.34
C PRO A 267 -5.78 -12.97 24.61
N LEU A 268 -5.27 -13.08 25.83
CA LEU A 268 -4.42 -14.21 26.18
C LEU A 268 -5.23 -15.48 26.42
N THR A 269 -6.21 -15.39 27.33
CA THR A 269 -7.09 -16.52 27.69
C THR A 269 -8.54 -16.22 27.33
N SER A 270 -9.41 -17.17 27.58
CA SER A 270 -10.81 -16.97 27.34
C SER A 270 -11.42 -16.07 28.40
N TYR A 271 -12.57 -15.49 28.09
CA TYR A 271 -13.27 -14.67 29.05
C TYR A 271 -14.73 -14.80 28.76
N ASP A 272 -15.57 -14.34 29.67
CA ASP A 272 -17.00 -14.63 29.61
C ASP A 272 -17.73 -14.08 28.41
N GLY A 273 -17.42 -12.87 28.02
CA GLY A 273 -18.16 -12.23 26.96
C GLY A 273 -17.73 -12.64 25.58
N ILE A 274 -16.75 -13.51 25.48
CA ILE A 274 -16.05 -13.64 24.23
C ILE A 274 -17.01 -14.02 23.15
N PRO A 275 -16.94 -13.38 22.00
CA PRO A 275 -17.91 -13.72 20.95
C PRO A 275 -17.78 -15.08 20.31
N LYS A 276 -16.57 -15.53 20.08
CA LYS A 276 -16.31 -16.82 19.49
C LYS A 276 -15.42 -17.61 20.43
N GLN A 277 -15.95 -18.72 20.93
CA GLN A 277 -15.17 -19.64 21.75
C GLN A 277 -13.89 -20.09 21.00
N GLY A 278 -12.76 -20.18 21.70
CA GLY A 278 -11.56 -20.78 21.15
C GLY A 278 -10.63 -19.82 20.44
N PHE A 279 -11.07 -18.57 20.39
CA PHE A 279 -10.32 -17.49 19.74
C PHE A 279 -9.46 -16.70 20.69
N THR A 280 -8.44 -17.36 21.24
CA THR A 280 -7.51 -16.69 22.16
C THR A 280 -6.09 -17.18 21.92
N SER A 281 -5.09 -16.38 22.29
CA SER A 281 -3.69 -16.76 22.21
C SER A 281 -3.51 -18.17 22.80
N ALA A 282 -4.03 -18.39 24.00
CA ALA A 282 -3.85 -19.68 24.70
C ALA A 282 -4.40 -20.85 23.92
N ASP A 283 -5.58 -20.67 23.33
CA ASP A 283 -6.24 -21.77 22.65
C ASP A 283 -5.53 -22.06 21.30
N ALA A 284 -4.87 -21.05 20.71
CA ALA A 284 -4.04 -21.23 19.50
C ALA A 284 -2.82 -22.09 19.74
N ILE A 285 -2.00 -21.69 20.72
CA ILE A 285 -0.87 -22.48 21.17
C ILE A 285 -1.28 -23.93 21.46
N ALA A 286 -2.27 -24.15 22.28
CA ALA A 286 -2.66 -25.51 22.63
C ALA A 286 -3.02 -26.33 21.40
N ALA A 287 -3.57 -25.69 20.37
CA ALA A 287 -4.02 -26.42 19.21
C ALA A 287 -2.82 -27.00 18.50
N PHE A 288 -1.80 -26.16 18.31
CA PHE A 288 -0.55 -26.60 17.73
C PHE A 288 0.10 -27.69 18.57
N LYS A 289 0.19 -27.46 19.87
CA LYS A 289 0.82 -28.44 20.75
C LYS A 289 0.12 -29.80 20.68
N ALA A 290 -1.21 -29.79 20.55
CA ALA A 290 -2.04 -31.00 20.56
C ALA A 290 -1.89 -31.86 19.31
N GLN A 291 -1.56 -31.17 18.21
CA GLN A 291 -1.35 -31.73 16.89
C GLN A 291 0.06 -32.34 16.81
N GLY A 292 0.96 -31.80 17.61
CA GLY A 292 2.25 -32.43 17.84
C GLY A 292 3.44 -31.54 17.60
N VAL A 293 3.17 -30.25 17.42
CA VAL A 293 4.22 -29.24 17.25
C VAL A 293 4.84 -29.01 18.60
N PRO A 294 6.15 -29.16 18.71
CA PRO A 294 6.74 -28.98 20.03
C PRO A 294 6.73 -27.52 20.49
N ALA A 295 6.84 -27.29 21.80
CA ALA A 295 6.81 -25.96 22.41
C ALA A 295 7.91 -25.02 21.93
N ASP A 296 9.13 -25.53 21.77
CA ASP A 296 10.22 -24.64 21.36
C ASP A 296 10.26 -24.40 19.83
N LYS A 297 9.23 -24.84 19.10
CA LYS A 297 9.07 -24.42 17.70
C LYS A 297 7.91 -23.40 17.59
N LEU A 298 7.47 -22.83 18.72
CA LEU A 298 6.40 -21.80 18.74
C LEU A 298 6.82 -20.43 19.35
N LEU A 299 6.53 -19.33 18.66
CA LEU A 299 6.68 -17.97 19.18
C LEU A 299 5.33 -17.29 19.34
N LEU A 300 5.16 -16.56 20.45
CA LEU A 300 3.94 -15.83 20.70
C LEU A 300 3.94 -14.46 20.01
N GLY A 301 2.86 -14.15 19.30
CA GLY A 301 2.75 -12.88 18.58
C GLY A 301 2.16 -11.74 19.43
N ILE A 302 2.80 -10.59 19.34
CA ILE A 302 2.36 -9.39 20.01
C ILE A 302 2.08 -8.30 18.96
N GLY A 303 0.87 -7.73 18.95
CA GLY A 303 0.56 -6.59 18.09
C GLY A 303 0.88 -5.23 18.72
N PHE A 304 1.75 -4.48 18.05
CA PHE A 304 2.14 -3.12 18.45
C PHE A 304 1.11 -2.10 17.93
N TYR A 305 -0.13 -2.54 17.90
CA TYR A 305 -1.23 -1.71 17.43
C TYR A 305 -2.49 -2.17 18.19
N GLY A 306 -3.53 -1.36 18.05
CA GLY A 306 -4.82 -1.61 18.65
C GLY A 306 -5.89 -1.61 17.59
N ARG A 307 -7.01 -2.28 17.90
CA ARG A 307 -8.20 -2.23 17.06
C ARG A 307 -9.32 -1.70 17.91
N GLY A 308 -10.17 -0.90 17.28
CA GLY A 308 -11.16 -0.15 17.99
C GLY A 308 -12.41 0.20 17.21
N TRP A 309 -13.49 0.43 17.96
CA TRP A 309 -14.76 0.87 17.43
C TRP A 309 -15.06 2.26 17.94
N THR A 310 -16.02 2.93 17.31
CA THR A 310 -16.55 4.18 17.87
C THR A 310 -18.06 4.04 18.14
N GLY A 311 -18.60 4.91 19.01
CA GLY A 311 -20.03 4.85 19.31
C GLY A 311 -20.47 3.82 20.34
N VAL A 312 -19.69 3.63 21.40
CA VAL A 312 -19.98 2.61 22.42
C VAL A 312 -20.76 3.15 23.66
N THR A 313 -21.64 2.32 24.20
CA THR A 313 -22.52 2.65 25.32
C THR A 313 -21.77 2.59 26.63
N GLN A 314 -20.95 1.56 26.76
CA GLN A 314 -20.41 1.21 28.06
C GLN A 314 -18.90 1.32 28.14
N ASP A 315 -18.45 1.35 29.39
CA ASP A 315 -17.07 1.62 29.74
C ASP A 315 -16.07 0.52 29.31
N ALA A 316 -16.58 -0.68 29.02
CA ALA A 316 -15.74 -1.86 28.78
C ALA A 316 -16.25 -2.67 27.59
N PRO A 317 -15.46 -3.66 27.12
CA PRO A 317 -15.86 -4.40 25.91
C PRO A 317 -17.06 -5.33 26.11
N GLY A 318 -17.71 -5.70 24.99
CA GLY A 318 -18.94 -6.49 24.97
C GLY A 318 -20.12 -5.74 24.31
N GLY A 319 -20.06 -4.41 24.30
CA GLY A 319 -21.17 -3.59 23.86
C GLY A 319 -21.20 -3.40 22.36
N THR A 320 -22.24 -2.74 21.87
CA THR A 320 -22.39 -2.48 20.45
C THR A 320 -21.57 -1.26 20.07
N ALA A 321 -21.47 -0.98 18.76
CA ALA A 321 -20.74 0.17 18.25
C ALA A 321 -21.36 0.68 16.96
N THR A 322 -21.17 1.95 16.64
CA THR A 322 -21.68 2.48 15.37
C THR A 322 -20.81 1.98 14.21
N GLY A 323 -19.50 1.97 14.42
CA GLY A 323 -18.57 1.52 13.41
C GLY A 323 -17.15 1.62 13.91
N PRO A 324 -16.18 1.40 13.01
CA PRO A 324 -14.73 1.38 13.28
C PRO A 324 -14.27 2.71 13.87
N ALA A 325 -13.37 2.66 14.85
CA ALA A 325 -12.78 3.88 15.37
C ALA A 325 -11.90 4.48 14.27
N ALA A 326 -11.67 5.78 14.31
CA ALA A 326 -10.95 6.42 13.20
C ALA A 326 -9.47 6.20 13.37
N GLY A 327 -8.83 5.65 12.34
CA GLY A 327 -7.40 5.42 12.37
C GLY A 327 -6.64 6.26 11.37
N THR A 328 -5.31 6.21 11.48
CA THR A 328 -4.44 7.02 10.64
C THR A 328 -4.27 6.43 9.24
N TRP A 329 -4.02 5.14 9.16
CA TRP A 329 -3.67 4.56 7.86
C TRP A 329 -4.82 3.68 7.37
N GLU A 330 -5.71 3.30 8.25
CA GLU A 330 -6.92 2.59 7.86
C GLU A 330 -7.80 2.58 9.08
N GLN A 331 -9.10 2.53 8.85
CA GLN A 331 -10.06 2.52 9.91
C GLN A 331 -9.94 1.27 10.79
N GLY A 332 -10.12 1.46 12.10
CA GLY A 332 -10.25 0.32 12.99
C GLY A 332 -8.94 -0.15 13.55
N ILE A 333 -7.85 0.54 13.16
CA ILE A 333 -6.47 0.16 13.49
C ILE A 333 -5.65 1.41 13.83
N GLU A 334 -4.85 1.36 14.89
CA GLU A 334 -4.01 2.51 15.21
C GLU A 334 -2.72 2.05 15.87
N ASP A 335 -1.61 2.75 15.61
CA ASP A 335 -0.34 2.34 16.21
C ASP A 335 -0.34 2.58 17.72
N TYR A 336 0.39 1.77 18.48
CA TYR A 336 0.56 2.01 19.92
C TYR A 336 1.19 3.39 20.23
N LYS A 337 2.16 3.83 19.42
CA LYS A 337 2.84 5.10 19.66
C LYS A 337 1.84 6.24 19.66
N VAL A 338 0.74 6.03 18.95
CA VAL A 338 -0.30 7.02 18.88
C VAL A 338 -1.36 6.80 19.94
N LEU A 339 -1.86 5.56 20.06
CA LEU A 339 -2.91 5.26 21.03
C LEU A 339 -2.52 5.50 22.47
N LYS A 340 -1.25 5.31 22.82
CA LYS A 340 -0.81 5.56 24.18
C LYS A 340 -1.15 7.00 24.61
N ASN A 341 -1.30 7.90 23.63
CA ASN A 341 -1.62 9.31 23.90
C ASN A 341 -3.09 9.65 23.67
N THR A 342 -3.60 9.30 22.49
CA THR A 342 -4.99 9.63 22.13
C THR A 342 -6.04 8.83 22.91
N CYS A 343 -5.69 7.66 23.40
CA CYS A 343 -6.67 6.81 24.05
C CYS A 343 -6.03 5.90 25.10
N PRO A 344 -5.69 6.48 26.26
CA PRO A 344 -4.95 5.76 27.30
C PRO A 344 -5.78 4.64 27.90
N VAL A 345 -5.10 3.56 28.26
CA VAL A 345 -5.70 2.37 28.82
C VAL A 345 -6.53 2.66 30.06
N THR A 346 -7.72 2.06 30.10
CA THR A 346 -8.62 2.20 31.25
C THR A 346 -8.98 0.86 31.91
N GLY A 347 -8.73 -0.27 31.25
CA GLY A 347 -8.94 -1.56 31.90
C GLY A 347 -8.12 -2.77 31.46
N THR A 348 -8.49 -3.93 32.02
CA THR A 348 -7.92 -5.21 31.62
C THR A 348 -8.99 -6.26 31.55
N VAL A 349 -8.87 -7.07 30.52
CA VAL A 349 -9.67 -8.27 30.36
C VAL A 349 -8.83 -9.33 29.59
N ALA A 350 -8.95 -10.58 30.03
CA ALA A 350 -8.39 -11.71 29.31
C ALA A 350 -6.91 -11.58 29.03
N GLY A 351 -6.16 -10.98 29.95
CA GLY A 351 -4.71 -11.00 29.84
C GLY A 351 -4.18 -9.89 28.96
N THR A 352 -5.09 -9.09 28.43
CA THR A 352 -4.73 -7.94 27.60
C THR A 352 -5.45 -6.68 28.14
N ALA A 353 -5.42 -5.59 27.38
CA ALA A 353 -5.85 -4.28 27.88
C ALA A 353 -6.88 -3.64 26.99
N TYR A 354 -7.73 -2.79 27.59
CA TYR A 354 -8.70 -2.00 26.81
C TYR A 354 -8.63 -0.52 27.20
N ALA A 355 -9.16 0.30 26.29
CA ALA A 355 -9.13 1.76 26.43
C ALA A 355 -10.49 2.41 26.04
N HIS A 356 -11.03 3.17 26.98
CA HIS A 356 -12.25 3.94 26.75
C HIS A 356 -11.84 5.39 26.69
N CYS A 357 -12.36 6.14 25.72
CA CYS A 357 -12.16 7.59 25.65
C CYS A 357 -13.20 8.17 24.71
N GLY A 358 -14.15 8.91 25.28
CA GLY A 358 -15.28 9.40 24.51
C GLY A 358 -16.16 8.26 24.05
N SER A 359 -16.34 8.17 22.75
CA SER A 359 -17.21 7.17 22.17
C SER A 359 -16.39 6.00 21.61
N ASN A 360 -15.07 6.04 21.78
CA ASN A 360 -14.26 4.94 21.25
C ASN A 360 -13.86 3.91 22.28
N LEU A 361 -13.81 2.67 21.83
CA LEU A 361 -13.24 1.59 22.62
C LEU A 361 -12.10 0.99 21.79
N TRP A 362 -10.87 1.04 22.30
CA TRP A 362 -9.70 0.43 21.67
C TRP A 362 -9.14 -0.70 22.53
N SER A 363 -8.55 -1.72 21.90
CA SER A 363 -7.85 -2.77 22.64
C SER A 363 -6.46 -3.01 22.07
N TYR A 364 -5.46 -3.02 22.95
CA TYR A 364 -4.08 -3.20 22.54
C TYR A 364 -3.21 -3.60 23.70
N ASP A 365 -1.97 -4.00 23.43
CA ASP A 365 -1.11 -4.48 24.49
C ASP A 365 -0.30 -3.30 25.01
N THR A 366 0.03 -3.34 26.29
CA THR A 366 0.80 -2.31 26.97
C THR A 366 2.04 -2.95 27.56
N PRO A 367 3.00 -2.14 28.06
CA PRO A 367 4.14 -2.79 28.73
C PRO A 367 3.74 -3.77 29.86
N ASP A 368 2.69 -3.47 30.62
CA ASP A 368 2.32 -4.37 31.72
C ASP A 368 1.63 -5.67 31.24
N THR A 369 0.79 -5.60 30.19
CA THR A 369 0.11 -6.81 29.72
C THR A 369 1.08 -7.71 28.98
N ILE A 370 2.05 -7.09 28.30
CA ILE A 370 3.09 -7.81 27.58
C ILE A 370 3.95 -8.63 28.54
N ALA A 371 4.37 -8.00 29.64
CA ALA A 371 5.12 -8.70 30.68
C ALA A 371 4.40 -9.94 31.24
N SER A 372 3.08 -9.85 31.47
CA SER A 372 2.34 -10.99 32.05
C SER A 372 2.20 -12.08 30.98
N LYS A 373 1.96 -11.67 29.74
CA LYS A 373 2.01 -12.55 28.58
C LYS A 373 3.38 -13.26 28.38
N MET A 374 4.49 -12.56 28.62
CA MET A 374 5.79 -13.21 28.49
C MET A 374 6.00 -14.25 29.60
N ALA A 375 5.55 -13.90 30.81
CA ALA A 375 5.63 -14.80 31.93
C ALA A 375 4.87 -16.07 31.59
N TRP A 376 3.76 -15.88 30.88
CA TRP A 376 2.93 -16.99 30.46
C TRP A 376 3.67 -17.87 29.43
N ALA A 377 4.30 -17.22 28.43
CA ALA A 377 5.12 -17.93 27.45
C ALA A 377 6.24 -18.74 28.11
N ASN A 378 6.84 -18.22 29.18
CA ASN A 378 7.91 -18.96 29.84
C ASN A 378 7.37 -20.18 30.57
N ASP A 379 6.22 -20.05 31.24
CA ASP A 379 5.58 -21.18 31.93
C ASP A 379 5.21 -22.25 30.92
N GLN A 380 4.95 -21.81 29.70
CA GLN A 380 4.53 -22.68 28.60
C GLN A 380 5.70 -23.26 27.83
N GLY A 381 6.91 -22.76 28.06
CA GLY A 381 8.11 -23.24 27.37
C GLY A 381 8.22 -22.87 25.89
N LEU A 382 7.54 -21.79 25.53
CA LEU A 382 7.64 -21.28 24.18
C LEU A 382 9.06 -20.83 23.88
N ARG A 383 9.36 -20.77 22.60
CA ARG A 383 10.71 -20.48 22.13
C ARG A 383 10.99 -18.98 22.28
N GLY A 384 9.94 -18.18 22.25
CA GLY A 384 10.08 -16.73 22.41
C GLY A 384 8.86 -15.96 21.93
N ALA A 385 9.03 -14.71 21.52
CA ALA A 385 7.86 -13.99 21.08
C ALA A 385 8.26 -13.04 20.01
N PHE A 386 7.26 -12.48 19.34
CA PHE A 386 7.55 -11.53 18.30
C PHE A 386 6.54 -10.40 18.13
N ALA A 387 7.03 -9.37 17.44
CA ALA A 387 6.39 -8.10 17.35
C ALA A 387 5.91 -7.81 15.91
N TRP A 388 4.63 -7.47 15.77
CA TRP A 388 4.05 -7.08 14.48
C TRP A 388 3.42 -5.71 14.64
N ASP A 389 4.07 -4.64 14.19
CA ASP A 389 5.41 -4.66 13.64
C ASP A 389 6.15 -3.55 14.35
N PHE A 390 7.43 -3.39 14.06
CA PHE A 390 8.28 -2.47 14.80
C PHE A 390 7.80 -1.05 14.76
N SER A 391 7.10 -0.67 13.69
CA SER A 391 6.88 0.75 13.44
C SER A 391 5.82 1.35 14.39
N GLY A 392 4.97 0.47 14.93
CA GLY A 392 3.91 0.88 15.84
C GLY A 392 4.41 1.20 17.25
N ASP A 393 5.59 0.70 17.61
CA ASP A 393 6.21 0.98 18.91
C ASP A 393 6.65 2.45 18.99
N THR A 394 6.93 2.90 20.22
CA THR A 394 7.31 4.27 20.52
C THR A 394 8.76 4.55 20.16
N ALA A 395 9.15 5.80 20.31
CA ALA A 395 10.48 6.21 19.92
C ALA A 395 11.56 5.73 20.89
N ASP A 396 11.17 5.35 22.11
CA ASP A 396 12.12 4.86 23.13
C ASP A 396 12.02 3.34 23.23
N GLY A 397 11.22 2.77 22.32
CA GLY A 397 11.01 1.34 22.18
C GLY A 397 10.55 0.60 23.40
N GLU A 398 9.51 1.11 24.04
CA GLU A 398 9.11 0.58 25.34
C GLU A 398 8.30 -0.72 25.25
N LEU A 399 7.60 -0.95 24.12
CA LEU A 399 6.93 -2.24 23.87
C LEU A 399 7.93 -3.34 23.62
N ILE A 400 8.98 -3.05 22.84
CA ILE A 400 9.95 -4.09 22.53
C ILE A 400 10.77 -4.36 23.79
N ALA A 401 10.96 -3.32 24.60
CA ALA A 401 11.70 -3.45 25.85
C ALA A 401 10.95 -4.34 26.82
N ALA A 402 9.62 -4.24 26.86
CA ALA A 402 8.82 -5.11 27.74
C ALA A 402 8.90 -6.59 27.31
N LEU A 403 8.64 -6.85 26.02
CA LEU A 403 8.79 -8.18 25.45
C LEU A 403 10.17 -8.80 25.79
N SER A 404 11.25 -8.04 25.61
CA SER A 404 12.59 -8.58 25.82
C SER A 404 12.83 -8.93 27.27
N ASN A 405 12.48 -8.01 28.14
CA ASN A 405 12.79 -8.17 29.55
C ASN A 405 11.96 -9.24 30.23
N GLY A 406 10.81 -9.55 29.63
CA GLY A 406 9.87 -10.53 30.14
C GLY A 406 10.32 -11.97 29.92
N LEU A 407 11.13 -12.16 28.90
CA LEU A 407 11.54 -13.49 28.49
C LEU A 407 12.79 -13.98 29.21
N ALA A 408 12.85 -15.31 29.32
CA ALA A 408 14.07 -16.05 29.65
C ALA A 408 15.30 -15.53 28.87
N GLY B 40 -7.54 14.70 -32.19
CA GLY B 40 -8.91 14.68 -31.64
C GLY B 40 -9.01 14.52 -30.12
N THR B 41 -10.23 14.37 -29.62
CA THR B 41 -10.52 14.49 -28.17
C THR B 41 -10.25 13.26 -27.31
N VAL B 42 -9.56 13.49 -26.17
CA VAL B 42 -9.12 12.42 -25.26
C VAL B 42 -9.89 12.30 -23.96
N LYS B 43 -10.36 11.10 -23.67
CA LYS B 43 -11.06 10.80 -22.43
C LYS B 43 -10.34 9.64 -21.76
N LEU B 44 -9.48 9.97 -20.81
CA LEU B 44 -8.58 9.02 -20.19
C LEU B 44 -8.93 8.78 -18.71
N GLY B 45 -8.61 7.61 -18.19
CA GLY B 45 -8.61 7.45 -16.76
C GLY B 45 -7.55 6.49 -16.33
N TYR B 46 -7.08 6.66 -15.10
CA TYR B 46 -6.10 5.78 -14.49
C TYR B 46 -6.72 4.50 -13.89
N PHE B 47 -6.23 3.36 -14.31
CA PHE B 47 -6.53 2.12 -13.62
C PHE B 47 -5.34 1.77 -12.73
N THR B 48 -5.60 1.61 -11.44
CA THR B 48 -4.56 1.31 -10.48
C THR B 48 -4.38 -0.19 -10.32
N GLU B 49 -3.12 -0.60 -10.29
CA GLU B 49 -2.68 -1.98 -10.13
C GLU B 49 -3.13 -2.65 -8.82
N TRP B 50 -3.11 -1.92 -7.71
CA TRP B 50 -3.43 -2.55 -6.42
C TRP B 50 -4.95 -2.67 -6.17
N GLY B 51 -5.74 -2.23 -7.13
CA GLY B 51 -7.19 -2.38 -7.04
C GLY B 51 -7.65 -3.82 -6.98
N THR B 52 -6.81 -4.73 -7.42
CA THR B 52 -7.26 -6.10 -7.59
C THR B 52 -7.21 -6.82 -6.26
N TYR B 53 -6.65 -6.16 -5.25
CA TYR B 53 -6.48 -6.77 -3.93
C TYR B 53 -7.66 -6.48 -3.07
N ASP B 54 -7.43 -5.69 -2.03
CA ASP B 54 -8.47 -5.43 -1.03
C ASP B 54 -9.64 -4.63 -1.60
N ARG B 55 -9.43 -3.62 -2.45
CA ARG B 55 -10.56 -2.82 -2.96
C ARG B 55 -11.45 -3.62 -3.92
N ASN B 56 -10.99 -4.81 -4.31
CA ASN B 56 -11.68 -5.65 -5.29
C ASN B 56 -12.16 -4.96 -6.60
N PHE B 57 -11.38 -4.00 -7.10
CA PHE B 57 -11.76 -3.36 -8.34
C PHE B 57 -10.87 -3.87 -9.46
N ASN B 58 -11.46 -4.64 -10.36
CA ASN B 58 -10.76 -5.30 -11.43
C ASN B 58 -11.08 -4.70 -12.79
N VAL B 59 -10.45 -5.17 -13.84
CA VAL B 59 -10.69 -4.57 -15.16
C VAL B 59 -12.11 -4.84 -15.64
N LYS B 60 -12.64 -6.03 -15.38
CA LYS B 60 -14.05 -6.33 -15.68
C LYS B 60 -14.98 -5.17 -15.19
N ASN B 61 -14.58 -4.49 -14.13
CA ASN B 61 -15.33 -3.34 -13.66
C ASN B 61 -15.45 -2.21 -14.66
N LEU B 62 -14.43 -2.01 -15.49
CA LEU B 62 -14.55 -0.96 -16.50
C LEU B 62 -15.63 -1.36 -17.51
N ASP B 63 -15.79 -2.66 -17.71
CA ASP B 63 -16.75 -3.14 -18.71
C ASP B 63 -18.17 -3.03 -18.18
N THR B 64 -18.44 -3.72 -17.07
CA THR B 64 -19.74 -3.69 -16.41
C THR B 64 -20.25 -2.27 -16.04
N SER B 65 -19.36 -1.31 -15.76
CA SER B 65 -19.79 0.05 -15.40
C SER B 65 -20.14 0.97 -16.58
N GLY B 66 -20.02 0.42 -17.80
CA GLY B 66 -20.16 1.20 -19.03
C GLY B 66 -18.94 2.10 -19.27
N THR B 67 -17.92 2.04 -18.39
CA THR B 67 -16.79 2.92 -18.52
C THR B 67 -16.02 2.71 -19.84
N ALA B 68 -15.70 1.46 -20.19
CA ALA B 68 -14.88 1.16 -21.37
C ALA B 68 -15.50 1.67 -22.67
N ALA B 69 -16.82 1.74 -22.70
CA ALA B 69 -17.54 2.25 -23.85
C ALA B 69 -17.41 3.80 -24.02
N LYS B 70 -17.11 4.51 -22.94
CA LYS B 70 -17.10 5.97 -23.00
C LYS B 70 -15.67 6.58 -23.02
N ILE B 71 -14.64 5.80 -22.71
CA ILE B 71 -13.30 6.35 -22.75
C ILE B 71 -12.50 6.09 -24.05
N THR B 72 -11.34 6.74 -24.18
CA THR B 72 -10.48 6.59 -25.34
C THR B 72 -9.10 6.05 -24.96
N HIS B 73 -8.69 6.28 -23.71
CA HIS B 73 -7.39 5.82 -23.20
C HIS B 73 -7.44 5.30 -21.75
N ILE B 74 -6.55 4.37 -21.39
CA ILE B 74 -6.40 3.93 -20.00
C ILE B 74 -4.91 4.01 -19.68
N ASN B 75 -4.56 4.60 -18.54
CA ASN B 75 -3.22 4.54 -18.00
C ASN B 75 -3.20 3.50 -16.92
N TYR B 76 -2.26 2.57 -16.98
CA TYR B 76 -2.08 1.59 -15.94
C TYR B 76 -1.02 2.08 -14.98
N ALA B 77 -1.35 2.13 -13.70
CA ALA B 77 -0.49 2.70 -12.67
C ALA B 77 -0.23 1.68 -11.59
N PHE B 78 1.00 1.46 -11.14
CA PHE B 78 2.22 2.10 -11.66
C PHE B 78 3.33 1.11 -11.93
N GLY B 79 4.26 1.51 -12.78
CA GLY B 79 5.52 0.79 -12.84
C GLY B 79 6.52 1.54 -11.97
N ASN B 80 7.53 0.85 -11.49
CA ASN B 80 8.55 1.43 -10.62
C ASN B 80 9.70 2.03 -11.45
N VAL B 81 10.56 2.82 -10.80
CA VAL B 81 11.74 3.32 -11.47
C VAL B 81 12.90 3.02 -10.56
N THR B 82 13.71 2.07 -10.99
CA THR B 82 14.78 1.50 -10.18
C THR B 82 16.08 1.45 -10.96
N GLY B 83 17.19 1.85 -10.35
CA GLY B 83 18.49 1.76 -10.99
C GLY B 83 18.56 2.48 -12.32
N GLY B 84 17.86 3.60 -12.43
CA GLY B 84 17.89 4.37 -13.64
C GLY B 84 17.01 3.79 -14.74
N LYS B 85 16.25 2.74 -14.42
CA LYS B 85 15.43 2.06 -15.42
C LYS B 85 13.97 1.93 -15.05
N CYS B 86 13.12 1.74 -16.05
CA CYS B 86 11.74 1.31 -15.82
C CYS B 86 11.79 -0.07 -15.19
N ALA B 87 10.89 -0.34 -14.24
CA ALA B 87 10.82 -1.66 -13.60
C ALA B 87 9.39 -2.01 -13.29
N ILE B 88 9.12 -3.32 -13.25
CA ILE B 88 7.82 -3.79 -12.88
C ILE B 88 7.47 -3.33 -11.46
N GLY B 89 6.18 -3.10 -11.22
CA GLY B 89 5.79 -2.63 -9.91
C GLY B 89 5.42 -3.75 -8.97
N ASP B 90 4.42 -4.53 -9.37
CA ASP B 90 3.98 -5.71 -8.65
C ASP B 90 3.88 -6.85 -9.69
N SER B 91 4.82 -7.78 -9.67
CA SER B 91 4.82 -8.78 -10.72
C SER B 91 3.56 -9.65 -10.61
N TYR B 92 3.17 -10.01 -9.38
CA TYR B 92 1.99 -10.89 -9.21
C TYR B 92 0.71 -10.26 -9.80
N ALA B 93 0.47 -9.00 -9.46
CA ALA B 93 -0.69 -8.31 -9.98
C ALA B 93 -0.58 -8.05 -11.47
N ASP B 94 0.64 -7.73 -11.95
CA ASP B 94 0.74 -7.25 -13.32
C ASP B 94 0.55 -8.45 -14.25
N TYR B 95 1.18 -9.58 -13.98
CA TYR B 95 1.07 -10.62 -15.00
C TYR B 95 0.93 -12.06 -14.58
N ASP B 96 0.90 -12.33 -13.27
CA ASP B 96 0.77 -13.71 -12.77
C ASP B 96 -0.58 -14.13 -12.17
N LYS B 97 -1.31 -13.20 -11.56
CA LYS B 97 -2.54 -13.57 -10.89
C LYS B 97 -3.44 -14.30 -11.84
N ALA B 98 -3.90 -15.46 -11.42
CA ALA B 98 -4.91 -16.17 -12.16
C ALA B 98 -6.32 -15.63 -11.77
N PHE B 99 -7.04 -15.06 -12.73
CA PHE B 99 -8.38 -14.59 -12.45
C PHE B 99 -9.40 -15.72 -12.58
N THR B 100 -10.51 -15.65 -11.83
CA THR B 100 -11.52 -16.71 -11.86
C THR B 100 -12.55 -16.36 -12.90
N ALA B 101 -13.47 -17.27 -13.19
CA ALA B 101 -14.43 -17.04 -14.26
C ALA B 101 -15.30 -15.80 -14.06
N ASP B 102 -15.70 -15.57 -12.83
CA ASP B 102 -16.66 -14.52 -12.49
C ASP B 102 -15.92 -13.26 -12.12
N GLN B 103 -14.62 -13.26 -12.38
CA GLN B 103 -13.80 -12.14 -12.03
C GLN B 103 -13.11 -11.62 -13.27
N SER B 104 -13.07 -12.42 -14.34
CA SER B 104 -12.34 -12.02 -15.56
C SER B 104 -13.25 -11.30 -16.53
N VAL B 105 -12.70 -10.50 -17.43
CA VAL B 105 -13.57 -9.73 -18.32
C VAL B 105 -14.14 -10.67 -19.37
N SER B 106 -13.34 -11.61 -19.82
CA SER B 106 -13.77 -12.52 -20.87
C SER B 106 -14.74 -13.58 -20.37
N GLY B 107 -14.82 -13.80 -19.06
CA GLY B 107 -15.69 -14.81 -18.50
C GLY B 107 -15.10 -16.20 -18.33
N GLN B 108 -13.88 -16.38 -18.84
CA GLN B 108 -13.12 -17.63 -18.78
C GLN B 108 -12.10 -17.51 -17.66
N ALA B 109 -11.94 -18.56 -16.86
CA ALA B 109 -10.90 -18.57 -15.83
C ALA B 109 -9.52 -18.69 -16.49
N ASP B 110 -8.49 -18.13 -15.89
CA ASP B 110 -7.14 -18.30 -16.44
C ASP B 110 -6.62 -19.71 -16.13
N THR B 111 -5.57 -20.15 -16.80
CA THR B 111 -4.92 -21.43 -16.45
C THR B 111 -3.43 -21.31 -16.21
N TRP B 112 -2.89 -22.32 -15.57
CA TRP B 112 -1.46 -22.48 -15.34
C TRP B 112 -0.72 -22.52 -16.69
N ASP B 113 -1.47 -22.80 -17.76
CA ASP B 113 -0.98 -22.84 -19.15
C ASP B 113 -0.56 -21.53 -19.81
N GLN B 114 -1.54 -20.67 -20.03
CA GLN B 114 -1.33 -19.45 -20.80
C GLN B 114 -0.14 -18.66 -20.29
N PRO B 115 0.62 -18.09 -21.22
CA PRO B 115 1.79 -17.24 -20.94
C PRO B 115 1.42 -16.01 -20.12
N LEU B 116 0.33 -15.34 -20.49
CA LEU B 116 -0.01 -14.09 -19.83
C LEU B 116 -1.24 -14.24 -18.94
N ARG B 117 -1.13 -13.65 -17.74
CA ARG B 117 -2.19 -13.63 -16.75
C ARG B 117 -2.23 -12.26 -16.06
N GLY B 118 -2.86 -12.18 -14.89
CA GLY B 118 -2.85 -10.98 -14.08
C GLY B 118 -3.55 -9.81 -14.78
N ASN B 119 -3.29 -8.58 -14.33
CA ASN B 119 -3.97 -7.41 -14.89
C ASN B 119 -3.71 -7.19 -16.40
N PHE B 120 -2.52 -7.56 -16.86
CA PHE B 120 -2.20 -7.38 -18.27
C PHE B 120 -3.08 -8.28 -19.13
N ASN B 121 -3.25 -9.54 -18.74
CA ASN B 121 -4.11 -10.41 -19.52
C ASN B 121 -5.51 -9.86 -19.54
N GLN B 122 -5.94 -9.24 -18.44
CA GLN B 122 -7.28 -8.67 -18.39
C GLN B 122 -7.42 -7.46 -19.33
N LEU B 123 -6.43 -6.59 -19.36
CA LEU B 123 -6.43 -5.44 -20.29
C LEU B 123 -6.50 -5.94 -21.72
N ARG B 124 -5.76 -7.03 -22.01
CA ARG B 124 -5.72 -7.68 -23.30
C ARG B 124 -7.15 -8.11 -23.64
N GLN B 125 -7.81 -8.79 -22.71
CA GLN B 125 -9.19 -9.25 -22.96
C GLN B 125 -10.12 -8.08 -23.20
N LEU B 126 -9.93 -7.00 -22.46
CA LEU B 126 -10.72 -5.78 -22.64
C LEU B 126 -10.51 -5.11 -23.99
N LYS B 127 -9.29 -4.99 -24.48
CA LYS B 127 -9.05 -4.34 -25.80
C LYS B 127 -9.65 -5.14 -26.93
N ALA B 128 -9.74 -6.45 -26.73
CA ALA B 128 -10.38 -7.35 -27.68
C ALA B 128 -11.87 -7.04 -27.81
N LYS B 129 -12.46 -6.64 -26.68
CA LYS B 129 -13.87 -6.31 -26.58
C LYS B 129 -14.10 -4.86 -27.06
N TYR B 130 -13.12 -3.98 -26.83
CA TYR B 130 -13.23 -2.55 -27.11
C TYR B 130 -12.02 -2.13 -27.96
N PRO B 131 -12.07 -2.42 -29.26
CA PRO B 131 -10.84 -2.33 -30.05
C PRO B 131 -10.29 -0.91 -30.18
N HIS B 132 -11.09 0.08 -29.83
CA HIS B 132 -10.66 1.46 -30.01
C HIS B 132 -9.93 2.06 -28.82
N ILE B 133 -10.06 1.43 -27.65
CA ILE B 133 -9.35 1.86 -26.44
C ILE B 133 -7.87 1.73 -26.71
N LYS B 134 -7.08 2.70 -26.24
CA LYS B 134 -5.61 2.59 -26.27
C LYS B 134 -5.15 2.58 -24.82
N VAL B 135 -4.10 1.81 -24.49
CA VAL B 135 -3.66 1.64 -23.11
C VAL B 135 -2.21 2.01 -22.92
N LEU B 136 -1.93 2.89 -21.97
CA LEU B 136 -0.56 3.28 -21.64
C LEU B 136 -0.15 2.75 -20.28
N TRP B 137 1.13 2.44 -20.14
CA TRP B 137 1.69 1.98 -18.87
C TRP B 137 2.29 3.17 -18.19
N SER B 138 1.94 3.38 -16.93
CA SER B 138 2.31 4.62 -16.26
C SER B 138 3.43 4.38 -15.23
N PHE B 139 4.44 5.23 -15.26
CA PHE B 139 5.62 5.00 -14.42
C PHE B 139 5.83 6.14 -13.46
N GLY B 140 5.98 5.76 -12.21
CA GLY B 140 6.29 6.76 -11.20
C GLY B 140 5.22 6.79 -10.12
N GLY B 141 4.57 7.93 -9.99
CA GLY B 141 3.60 8.11 -8.94
C GLY B 141 4.26 8.73 -7.72
N TRP B 142 3.44 9.06 -6.72
CA TRP B 142 3.91 9.69 -5.49
C TRP B 142 5.01 8.91 -4.74
N THR B 143 4.83 7.61 -4.63
CA THR B 143 5.69 6.77 -3.82
C THR B 143 6.98 6.52 -4.55
N TRP B 144 6.84 6.23 -5.84
CA TRP B 144 7.97 5.75 -6.61
C TRP B 144 8.62 6.76 -7.55
N SER B 145 8.85 7.97 -7.08
CA SER B 145 9.47 8.98 -7.94
C SER B 145 10.91 9.28 -7.49
N GLY B 146 11.36 8.59 -6.47
CA GLY B 146 12.69 8.83 -5.95
C GLY B 146 13.74 8.46 -6.98
N GLY B 147 13.45 7.46 -7.82
CA GLY B 147 14.41 7.01 -8.79
C GLY B 147 14.60 7.84 -10.05
N PHE B 148 13.78 8.86 -10.24
CA PHE B 148 13.89 9.62 -11.48
C PHE B 148 15.17 10.41 -11.56
N ALA B 149 15.76 10.72 -10.42
CA ALA B 149 16.94 11.54 -10.43
C ALA B 149 18.05 10.79 -11.14
N ASP B 150 18.13 9.50 -10.84
CA ASP B 150 19.16 8.66 -11.44
C ASP B 150 18.89 8.48 -12.94
N ALA B 151 17.64 8.20 -13.31
CA ALA B 151 17.28 8.14 -14.72
C ALA B 151 17.66 9.42 -15.49
N ALA B 152 17.51 10.59 -14.90
CA ALA B 152 17.84 11.80 -15.63
C ALA B 152 19.35 11.90 -15.87
N LYS B 153 20.17 11.12 -15.14
CA LYS B 153 21.62 11.11 -15.35
C LYS B 153 22.06 10.28 -16.60
N ASP B 154 21.22 9.32 -17.03
CA ASP B 154 21.34 8.58 -18.30
C ASP B 154 19.94 8.31 -18.95
N PRO B 155 19.45 9.24 -19.76
CA PRO B 155 18.10 9.16 -20.36
C PRO B 155 17.88 8.14 -21.49
N GLN B 156 18.85 7.92 -22.34
CA GLN B 156 18.73 6.95 -23.40
C GLN B 156 18.57 5.58 -22.79
N GLY B 157 19.33 5.33 -21.75
CA GLY B 157 19.27 4.08 -21.01
C GLY B 157 17.88 3.91 -20.40
N PHE B 158 17.40 4.95 -19.72
CA PHE B 158 16.07 4.95 -19.20
C PHE B 158 15.03 4.68 -20.32
N ALA B 159 15.08 5.42 -21.41
CA ALA B 159 14.09 5.24 -22.49
C ALA B 159 14.10 3.83 -23.12
N GLN B 160 15.28 3.32 -23.48
CA GLN B 160 15.33 2.00 -24.07
C GLN B 160 14.82 0.91 -23.11
N SER B 161 15.16 1.01 -21.84
CA SER B 161 14.65 0.02 -20.88
C SER B 161 13.10 0.12 -20.78
N CYS B 162 12.61 1.35 -20.81
CA CYS B 162 11.16 1.57 -20.78
C CYS B 162 10.51 1.01 -22.06
N TYR B 163 11.11 1.28 -23.22
CA TYR B 163 10.58 0.75 -24.46
C TYR B 163 10.55 -0.80 -24.38
N ASN B 164 11.61 -1.38 -23.86
CA ASN B 164 11.69 -2.83 -23.76
C ASN B 164 10.71 -3.48 -22.80
N LEU B 165 10.35 -2.77 -21.75
CA LEU B 165 9.42 -3.34 -20.77
C LEU B 165 7.99 -3.21 -21.31
N VAL B 166 7.69 -2.03 -21.86
CA VAL B 166 6.40 -1.84 -22.48
C VAL B 166 6.16 -2.85 -23.60
N HIS B 167 7.24 -3.28 -24.26
CA HIS B 167 7.15 -4.24 -25.37
C HIS B 167 7.74 -5.61 -25.06
N ASP B 168 7.76 -5.98 -23.80
CA ASP B 168 8.17 -7.32 -23.38
C ASP B 168 7.35 -8.37 -24.16
N PRO B 169 8.04 -9.44 -24.64
CA PRO B 169 7.40 -10.52 -25.41
C PRO B 169 6.17 -11.19 -24.72
N ARG B 170 6.13 -11.27 -23.39
CA ARG B 170 4.99 -11.89 -22.65
C ARG B 170 3.67 -11.16 -22.89
N TRP B 171 3.77 -9.88 -23.21
CA TRP B 171 2.58 -9.09 -23.36
C TRP B 171 2.63 -8.04 -24.46
N ASP B 172 3.27 -8.28 -25.61
CA ASP B 172 3.59 -7.18 -26.53
C ASP B 172 2.40 -6.32 -27.05
N GLY B 173 1.39 -6.91 -27.67
CA GLY B 173 0.25 -6.09 -28.14
C GLY B 173 -0.46 -5.07 -27.21
N VAL B 174 -0.29 -5.27 -25.90
CA VAL B 174 -1.14 -4.75 -24.85
C VAL B 174 -0.96 -3.27 -24.60
N PHE B 175 0.26 -2.75 -24.65
CA PHE B 175 0.43 -1.32 -24.42
C PHE B 175 0.73 -0.57 -25.68
N ASP B 176 0.16 0.63 -25.77
CA ASP B 176 0.26 1.51 -26.92
C ASP B 176 1.15 2.72 -26.66
N GLY B 177 1.86 2.75 -25.55
CA GLY B 177 2.62 3.93 -25.18
C GLY B 177 2.96 3.96 -23.70
N ILE B 178 3.57 5.05 -23.25
CA ILE B 178 4.10 5.13 -21.91
C ILE B 178 3.71 6.49 -21.30
N ASP B 179 3.46 6.51 -20.00
CA ASP B 179 3.16 7.74 -19.26
C ASP B 179 4.17 7.94 -18.15
N ILE B 180 4.77 9.13 -18.09
CA ILE B 180 5.72 9.44 -17.00
C ILE B 180 5.12 10.38 -15.94
N ASP B 181 4.93 9.81 -14.76
CA ASP B 181 4.32 10.49 -13.63
C ASP B 181 5.40 10.83 -12.57
N TRP B 182 6.26 11.80 -12.89
CA TRP B 182 7.36 12.15 -12.00
C TRP B 182 6.92 13.22 -11.03
N GLU B 183 6.93 12.88 -9.74
CA GLU B 183 6.51 13.80 -8.67
C GLU B 183 7.64 14.05 -7.67
N TYR B 184 8.42 15.11 -7.88
CA TYR B 184 8.22 16.04 -9.00
C TYR B 184 9.58 16.54 -9.46
N PRO B 185 9.72 16.88 -10.76
CA PRO B 185 11.00 17.29 -11.34
C PRO B 185 11.46 18.65 -10.84
N ASN B 186 12.69 18.70 -10.31
CA ASN B 186 13.32 19.91 -9.72
C ASN B 186 12.46 20.50 -8.60
N ALA B 187 11.80 19.62 -7.84
CA ALA B 187 10.92 20.05 -6.74
C ALA B 187 10.64 18.97 -5.70
N CYS B 188 9.71 19.27 -4.81
CA CYS B 188 9.45 18.38 -3.68
C CYS B 188 8.09 17.68 -3.78
N GLY B 189 8.11 16.37 -3.58
CA GLY B 189 6.91 15.56 -3.41
C GLY B 189 7.15 14.82 -2.09
N LEU B 190 7.09 13.51 -2.13
CA LEU B 190 7.47 12.69 -0.99
C LEU B 190 8.97 12.87 -0.75
N THR B 191 9.70 13.12 -1.84
CA THR B 191 11.10 13.43 -1.74
C THR B 191 11.46 14.64 -2.56
N CYS B 192 12.58 15.24 -2.20
CA CYS B 192 13.07 16.44 -2.87
C CYS B 192 14.05 16.11 -3.98
N ASP B 193 13.80 16.70 -5.15
CA ASP B 193 14.67 16.57 -6.32
C ASP B 193 15.29 17.87 -6.76
N SER B 194 16.59 17.87 -7.07
CA SER B 194 17.24 19.07 -7.61
C SER B 194 18.10 18.70 -8.83
N SER B 195 17.43 18.14 -9.82
CA SER B 195 18.04 17.69 -11.07
C SER B 195 18.16 18.85 -12.08
N GLY B 196 17.66 20.02 -11.72
CA GLY B 196 17.64 21.13 -12.66
C GLY B 196 16.35 21.27 -13.48
N PRO B 197 16.21 22.42 -14.12
CA PRO B 197 15.00 22.76 -14.85
C PRO B 197 14.89 21.99 -16.18
N ASP B 198 15.99 21.40 -16.61
CA ASP B 198 15.98 20.77 -17.92
C ASP B 198 15.95 19.23 -17.90
N ALA B 199 15.99 18.62 -16.72
CA ALA B 199 15.99 17.17 -16.64
C ALA B 199 14.71 16.53 -17.19
N PHE B 200 13.58 17.14 -16.87
CA PHE B 200 12.33 16.63 -17.39
C PHE B 200 12.34 16.61 -18.94
N ARG B 201 12.70 17.73 -19.55
CA ARG B 201 12.75 17.76 -21.01
C ARG B 201 13.68 16.67 -21.55
N ASN B 202 14.83 16.50 -20.93
CA ASN B 202 15.80 15.51 -21.40
C ASN B 202 15.24 14.12 -21.40
N LEU B 203 14.54 13.77 -20.33
CA LEU B 203 13.89 12.50 -20.18
C LEU B 203 12.83 12.25 -21.23
N MET B 204 12.02 13.26 -21.50
CA MET B 204 10.90 13.08 -22.39
C MET B 204 11.42 13.01 -23.81
N ALA B 205 12.45 13.78 -24.08
CA ALA B 205 13.01 13.80 -25.42
C ALA B 205 13.60 12.38 -25.71
N ALA B 206 14.26 11.79 -24.73
CA ALA B 206 14.75 10.44 -24.85
C ALA B 206 13.64 9.41 -25.16
N LEU B 207 12.55 9.52 -24.41
CA LEU B 207 11.42 8.63 -24.57
C LEU B 207 10.85 8.81 -25.97
N ARG B 208 10.79 10.06 -26.44
CA ARG B 208 10.23 10.27 -27.77
C ARG B 208 11.07 9.56 -28.82
N SER B 209 12.40 9.68 -28.71
CA SER B 209 13.26 9.08 -29.73
C SER B 209 13.09 7.55 -29.78
N THR B 210 12.92 6.88 -28.64
CA THR B 210 12.88 5.42 -28.68
C THR B 210 11.46 4.90 -28.87
N PHE B 211 10.46 5.75 -28.64
CA PHE B 211 9.06 5.33 -28.72
C PHE B 211 8.42 5.72 -30.07
N GLY B 212 9.09 6.54 -30.88
CA GLY B 212 8.58 6.81 -32.20
C GLY B 212 7.16 7.39 -32.31
N ASP B 213 6.26 6.64 -32.91
CA ASP B 213 4.93 7.13 -33.24
C ASP B 213 3.93 6.70 -32.16
N GLU B 214 4.45 5.99 -31.16
CA GLU B 214 3.60 5.53 -30.09
C GLU B 214 3.36 6.70 -29.15
N LEU B 215 2.52 6.50 -28.13
CA LEU B 215 2.13 7.59 -27.25
C LEU B 215 3.17 7.78 -26.17
N VAL B 216 3.58 9.03 -25.98
CA VAL B 216 4.35 9.43 -24.81
C VAL B 216 3.63 10.58 -24.12
N THR B 217 3.14 10.34 -22.92
CA THR B 217 2.53 11.42 -22.11
C THR B 217 3.22 11.57 -20.75
N ALA B 218 2.90 12.64 -20.05
CA ALA B 218 3.39 12.83 -18.68
C ALA B 218 2.32 13.47 -17.85
N ALA B 219 2.25 13.10 -16.57
CA ALA B 219 1.32 13.78 -15.66
C ALA B 219 2.08 14.82 -14.87
N VAL B 220 1.49 15.99 -14.69
CA VAL B 220 2.24 17.13 -14.17
C VAL B 220 1.58 17.96 -13.09
N THR B 221 2.41 18.69 -12.35
CA THR B 221 1.93 19.42 -11.18
C THR B 221 0.94 20.47 -11.61
N ALA B 222 0.04 20.85 -10.70
CA ALA B 222 -0.91 21.93 -11.00
C ALA B 222 -0.58 23.18 -10.17
N ASP B 223 0.68 23.31 -9.74
CA ASP B 223 1.15 24.45 -8.96
C ASP B 223 1.63 25.61 -9.85
N GLY B 224 0.79 26.62 -10.05
CA GLY B 224 1.14 27.73 -10.92
C GLY B 224 1.62 29.02 -10.26
N THR B 225 1.82 28.95 -8.96
CA THR B 225 2.18 30.12 -8.18
C THR B 225 3.66 30.49 -8.40
N PRO B 226 4.03 31.76 -8.14
CA PRO B 226 5.44 32.19 -8.13
C PRO B 226 6.34 31.26 -7.29
N GLY B 227 7.48 30.86 -7.85
CA GLY B 227 8.42 29.99 -7.15
C GLY B 227 7.87 28.59 -6.96
N GLY B 228 6.76 28.28 -7.65
CA GLY B 228 6.05 27.01 -7.52
C GLY B 228 6.60 25.94 -8.42
N LYS B 229 5.92 24.80 -8.51
CA LYS B 229 6.56 23.64 -9.14
C LYS B 229 6.64 23.78 -10.66
N ILE B 230 5.64 24.44 -11.23
CA ILE B 230 5.64 24.65 -12.66
C ILE B 230 6.76 25.58 -13.08
N GLU B 231 7.05 26.63 -12.31
CA GLU B 231 8.10 27.56 -12.73
C GLU B 231 9.50 26.90 -12.64
N ALA B 232 9.56 25.77 -11.94
CA ALA B 232 10.82 25.14 -11.58
C ALA B 232 11.37 24.27 -12.71
N THR B 233 10.53 23.90 -13.66
CA THR B 233 10.94 23.00 -14.74
C THR B 233 10.53 23.63 -16.08
N ASP B 234 11.25 23.30 -17.15
CA ASP B 234 10.86 23.77 -18.45
C ASP B 234 9.84 22.80 -19.06
N TYR B 235 8.57 22.99 -18.73
CA TYR B 235 7.49 22.11 -19.21
C TYR B 235 7.15 22.55 -20.64
N ALA B 236 7.45 23.80 -20.95
CA ALA B 236 7.16 24.33 -22.30
C ALA B 236 8.02 23.64 -23.35
N GLY B 237 9.29 23.54 -23.04
CA GLY B 237 10.27 22.92 -23.92
C GLY B 237 10.02 21.46 -24.10
N ALA B 238 9.64 20.79 -23.02
CA ALA B 238 9.32 19.38 -23.06
C ALA B 238 8.03 19.05 -23.85
N ALA B 239 7.11 19.99 -23.96
CA ALA B 239 5.82 19.70 -24.58
C ALA B 239 5.94 19.20 -26.04
N GLN B 240 6.97 19.66 -26.78
CA GLN B 240 7.10 19.24 -28.18
C GLN B 240 7.31 17.71 -28.29
N TYR B 241 7.85 17.09 -27.23
CA TYR B 241 8.09 15.65 -27.23
C TYR B 241 6.89 14.82 -26.71
N VAL B 242 5.97 15.40 -25.94
CA VAL B 242 4.83 14.60 -25.45
C VAL B 242 3.55 14.74 -26.32
N ASP B 243 2.66 13.75 -26.24
CA ASP B 243 1.37 13.84 -26.93
C ASP B 243 0.43 14.74 -26.16
N TRP B 244 0.52 14.67 -24.83
CA TRP B 244 -0.15 15.59 -23.93
C TRP B 244 0.31 15.48 -22.50
N TYR B 245 -0.12 16.45 -21.71
CA TYR B 245 0.09 16.49 -20.26
C TYR B 245 -1.21 16.19 -19.53
N ASN B 246 -1.17 15.27 -18.59
CA ASN B 246 -2.26 15.05 -17.62
C ASN B 246 -2.12 16.00 -16.44
N VAL B 247 -2.81 17.14 -16.43
CA VAL B 247 -2.55 18.16 -15.40
C VAL B 247 -3.26 17.77 -14.10
N MET B 248 -2.49 17.60 -13.01
CA MET B 248 -3.07 17.08 -11.76
C MET B 248 -3.80 18.14 -10.93
N THR B 249 -4.94 18.59 -11.48
CA THR B 249 -5.81 19.62 -10.90
C THR B 249 -6.80 19.08 -9.86
N TYR B 250 -6.21 18.58 -8.80
CA TYR B 250 -6.91 18.05 -7.66
C TYR B 250 -5.83 18.01 -6.56
N ASP B 251 -6.22 17.62 -5.34
CA ASP B 251 -5.36 17.68 -4.15
C ASP B 251 -4.74 19.05 -3.93
N PHE B 252 -5.48 20.13 -4.21
CA PHE B 252 -4.97 21.49 -3.94
C PHE B 252 -4.94 21.81 -2.44
N PHE B 253 -5.90 21.25 -1.72
CA PHE B 253 -6.01 21.45 -0.27
C PHE B 253 -6.48 20.14 0.26
N GLY B 254 -6.23 19.84 1.54
CA GLY B 254 -6.59 18.56 2.11
C GLY B 254 -6.15 18.52 3.56
N ALA B 255 -6.41 17.39 4.22
CA ALA B 255 -6.25 17.30 5.68
C ALA B 255 -4.82 17.01 6.19
N TRP B 256 -3.82 17.39 5.41
CA TRP B 256 -2.44 17.43 5.89
C TRP B 256 -2.25 18.77 6.62
N ASP B 257 -3.13 19.72 6.30
CA ASP B 257 -3.39 20.98 7.04
C ASP B 257 -4.61 20.66 7.91
N ALA B 258 -4.32 19.89 8.95
CA ALA B 258 -5.31 19.13 9.67
C ALA B 258 -6.33 19.95 10.46
N GLN B 259 -5.96 21.15 10.91
CA GLN B 259 -6.91 21.99 11.66
C GLN B 259 -7.67 22.92 10.74
N GLY B 260 -7.50 22.72 9.44
CA GLY B 260 -8.09 23.61 8.45
C GLY B 260 -7.15 24.76 8.07
N PRO B 261 -7.67 25.75 7.34
CA PRO B 261 -9.07 25.97 6.94
C PRO B 261 -9.59 24.91 5.99
N THR B 262 -10.89 24.65 6.03
CA THR B 262 -11.45 23.69 5.10
C THR B 262 -11.57 24.31 3.71
N ALA B 263 -11.38 23.48 2.69
CA ALA B 263 -11.41 23.99 1.32
C ALA B 263 -11.59 22.87 0.33
N PRO B 264 -12.21 23.21 -0.80
CA PRO B 264 -12.42 22.23 -1.86
C PRO B 264 -11.06 21.80 -2.43
N HIS B 265 -10.83 20.51 -2.68
CA HIS B 265 -9.49 20.11 -3.13
C HIS B 265 -9.34 20.27 -4.65
N SER B 266 -10.47 20.43 -5.34
CA SER B 266 -10.41 20.58 -6.79
C SER B 266 -11.32 21.74 -7.27
N PRO B 267 -11.00 22.97 -6.86
CA PRO B 267 -11.77 24.10 -7.37
C PRO B 267 -11.48 24.36 -8.82
N LEU B 268 -12.48 24.78 -9.57
CA LEU B 268 -12.26 25.16 -10.95
C LEU B 268 -11.63 26.54 -10.95
N THR B 269 -12.27 27.48 -10.26
CA THR B 269 -11.79 28.86 -10.23
C THR B 269 -11.35 29.23 -8.84
N SER B 270 -10.89 30.47 -8.70
CA SER B 270 -10.60 31.03 -7.40
C SER B 270 -11.94 31.41 -6.68
N TYR B 271 -11.87 31.75 -5.39
CA TYR B 271 -13.05 32.27 -4.67
C TYR B 271 -12.55 33.17 -3.57
N ASP B 272 -13.39 34.08 -3.06
CA ASP B 272 -12.96 35.01 -1.99
C ASP B 272 -12.57 34.15 -0.78
N GLY B 273 -11.44 34.40 -0.14
CA GLY B 273 -11.13 33.56 1.03
C GLY B 273 -10.48 32.21 0.75
N ILE B 274 -10.08 32.01 -0.50
CA ILE B 274 -9.28 30.84 -0.83
C ILE B 274 -8.02 31.00 0.05
N PRO B 275 -7.59 29.89 0.68
CA PRO B 275 -6.53 29.93 1.69
C PRO B 275 -5.16 30.13 1.06
N LYS B 276 -5.01 29.66 -0.17
CA LYS B 276 -3.78 29.82 -0.94
C LYS B 276 -4.15 30.39 -2.29
N GLN B 277 -3.70 31.59 -2.57
CA GLN B 277 -3.99 32.22 -3.84
C GLN B 277 -3.36 31.42 -4.92
N GLY B 278 -4.05 31.29 -6.04
CA GLY B 278 -3.46 30.69 -7.21
C GLY B 278 -3.60 29.18 -7.31
N PHE B 279 -4.20 28.57 -6.29
CA PHE B 279 -4.35 27.12 -6.25
C PHE B 279 -5.65 26.65 -6.82
N THR B 280 -5.86 26.85 -8.12
CA THR B 280 -7.08 26.40 -8.74
C THR B 280 -6.76 25.78 -10.12
N SER B 281 -7.67 24.93 -10.61
CA SER B 281 -7.59 24.33 -11.92
C SER B 281 -7.24 25.39 -12.99
N ALA B 282 -8.03 26.44 -12.99
CA ALA B 282 -7.93 27.52 -13.96
C ALA B 282 -6.55 28.16 -13.96
N ASP B 283 -6.00 28.29 -12.76
CA ASP B 283 -4.78 29.02 -12.63
C ASP B 283 -3.62 28.06 -13.04
N ALA B 284 -3.85 26.75 -12.92
CA ALA B 284 -2.88 25.74 -13.37
C ALA B 284 -2.72 25.78 -14.88
N ILE B 285 -3.82 25.57 -15.59
CA ILE B 285 -3.92 25.70 -17.03
C ILE B 285 -3.31 27.03 -17.55
N ALA B 286 -3.67 28.12 -16.92
CA ALA B 286 -3.19 29.44 -17.32
C ALA B 286 -1.69 29.52 -17.23
N ALA B 287 -1.14 28.81 -16.24
CA ALA B 287 0.30 28.83 -16.01
C ALA B 287 1.04 28.10 -17.14
N PHE B 288 0.57 26.90 -17.47
CA PHE B 288 1.15 26.17 -18.62
C PHE B 288 1.00 26.91 -19.94
N LYS B 289 -0.20 27.45 -20.23
CA LYS B 289 -0.45 28.17 -21.48
C LYS B 289 0.53 29.36 -21.63
N ALA B 290 0.81 30.00 -20.49
CA ALA B 290 1.70 31.15 -20.41
C ALA B 290 3.19 30.81 -20.66
N GLN B 291 3.55 29.59 -20.29
CA GLN B 291 4.91 29.16 -20.43
C GLN B 291 5.10 28.75 -21.89
N GLY B 292 4.00 28.33 -22.53
CA GLY B 292 3.96 28.17 -23.96
C GLY B 292 3.43 26.85 -24.41
N VAL B 293 2.84 26.09 -23.47
CA VAL B 293 2.24 24.80 -23.81
C VAL B 293 0.92 25.03 -24.51
N PRO B 294 0.72 24.40 -25.69
CA PRO B 294 -0.52 24.62 -26.42
C PRO B 294 -1.69 23.99 -25.71
N ALA B 295 -2.89 24.51 -25.93
CA ALA B 295 -4.08 24.01 -25.24
C ALA B 295 -4.34 22.54 -25.56
N ASP B 296 -4.06 22.14 -26.80
CA ASP B 296 -4.41 20.77 -27.21
C ASP B 296 -3.36 19.74 -26.76
N LYS B 297 -2.41 20.15 -25.92
CA LYS B 297 -1.56 19.20 -25.22
C LYS B 297 -1.83 19.16 -23.71
N LEU B 298 -2.98 19.71 -23.30
CA LEU B 298 -3.37 19.73 -21.88
C LEU B 298 -4.65 18.96 -21.62
N LEU B 299 -4.63 18.06 -20.63
CA LEU B 299 -5.84 17.45 -20.08
C LEU B 299 -6.09 17.90 -18.67
N LEU B 300 -7.37 18.19 -18.39
CA LEU B 300 -7.83 18.62 -17.08
C LEU B 300 -8.09 17.43 -16.16
N GLY B 301 -7.60 17.50 -14.94
CA GLY B 301 -7.76 16.41 -14.00
C GLY B 301 -9.01 16.47 -13.14
N ILE B 302 -9.67 15.33 -13.00
CA ILE B 302 -10.81 15.13 -12.14
C ILE B 302 -10.54 14.01 -11.10
N GLY B 303 -10.68 14.31 -9.82
CA GLY B 303 -10.59 13.28 -8.79
C GLY B 303 -11.93 12.58 -8.55
N PHE B 304 -11.92 11.25 -8.62
CA PHE B 304 -13.10 10.45 -8.32
C PHE B 304 -13.14 10.12 -6.83
N TYR B 305 -12.72 11.08 -6.00
CA TYR B 305 -12.69 10.92 -4.55
C TYR B 305 -12.80 12.31 -3.91
N GLY B 306 -13.05 12.34 -2.60
CA GLY B 306 -13.21 13.58 -1.88
C GLY B 306 -12.16 13.64 -0.79
N ARG B 307 -11.86 14.88 -0.37
CA ARG B 307 -11.02 15.10 0.80
C ARG B 307 -11.80 15.91 1.79
N GLY B 308 -11.65 15.55 3.05
CA GLY B 308 -12.49 16.04 4.12
C GLY B 308 -11.91 16.08 5.51
N TRP B 309 -12.48 16.97 6.31
CA TRP B 309 -12.03 17.15 7.67
C TRP B 309 -13.15 16.72 8.63
N THR B 310 -12.80 16.51 9.90
CA THR B 310 -13.83 16.32 10.92
C THR B 310 -13.72 17.34 12.08
N GLY B 311 -14.80 17.51 12.84
CA GLY B 311 -14.77 18.43 13.96
C GLY B 311 -15.02 19.84 13.48
N VAL B 312 -15.88 19.91 12.48
CA VAL B 312 -16.17 21.12 11.77
C VAL B 312 -17.42 21.79 12.31
N THR B 313 -17.38 23.12 12.40
CA THR B 313 -18.49 23.91 12.97
C THR B 313 -19.64 24.27 12.04
N GLN B 314 -19.29 24.67 10.83
CA GLN B 314 -20.28 25.30 10.01
C GLN B 314 -20.56 24.51 8.73
N ASP B 315 -21.65 24.89 8.08
CA ASP B 315 -22.20 24.18 6.95
C ASP B 315 -21.31 24.19 5.71
N ALA B 316 -20.34 25.10 5.65
CA ALA B 316 -19.55 25.31 4.43
C ALA B 316 -18.04 25.54 4.65
N PRO B 317 -17.28 25.59 3.56
CA PRO B 317 -15.84 25.74 3.74
C PRO B 317 -15.38 27.07 4.26
N GLY B 318 -14.17 27.05 4.81
CA GLY B 318 -13.49 28.18 5.43
C GLY B 318 -13.18 27.93 6.91
N GLY B 319 -13.93 27.04 7.53
CA GLY B 319 -13.85 26.95 8.97
C GLY B 319 -12.73 26.11 9.50
N THR B 320 -12.59 26.06 10.83
CA THR B 320 -11.59 25.18 11.40
C THR B 320 -12.12 23.75 11.54
N ALA B 321 -11.22 22.84 11.88
CA ALA B 321 -11.49 21.41 12.02
C ALA B 321 -10.57 20.83 13.07
N THR B 322 -10.96 19.72 13.69
CA THR B 322 -10.08 19.04 14.66
C THR B 322 -8.99 18.22 13.95
N GLY B 323 -9.33 17.60 12.83
CA GLY B 323 -8.34 16.83 12.11
C GLY B 323 -9.00 16.22 10.92
N PRO B 324 -8.27 15.31 10.23
CA PRO B 324 -8.73 14.63 9.02
C PRO B 324 -9.97 13.80 9.31
N ALA B 325 -10.93 13.85 8.40
CA ALA B 325 -12.12 13.03 8.51
C ALA B 325 -11.71 11.59 8.36
N ALA B 326 -12.52 10.68 8.89
CA ALA B 326 -12.21 9.27 8.86
C ALA B 326 -12.61 8.69 7.51
N GLY B 327 -11.66 8.01 6.87
CA GLY B 327 -11.91 7.37 5.60
C GLY B 327 -11.74 5.87 5.78
N THR B 328 -12.06 5.16 4.70
CA THR B 328 -12.00 3.71 4.64
C THR B 328 -10.54 3.24 4.56
N TRP B 329 -9.77 3.91 3.71
CA TRP B 329 -8.45 3.41 3.41
C TRP B 329 -7.35 4.28 3.93
N GLU B 330 -7.64 5.52 4.25
CA GLU B 330 -6.60 6.40 4.77
C GLU B 330 -7.35 7.62 5.26
N GLN B 331 -6.83 8.27 6.29
CA GLN B 331 -7.53 9.40 6.85
C GLN B 331 -7.58 10.49 5.80
N GLY B 332 -8.73 11.16 5.73
CA GLY B 332 -8.82 12.38 4.95
C GLY B 332 -9.25 12.20 3.52
N ILE B 333 -9.44 10.94 3.10
CA ILE B 333 -9.72 10.58 1.73
C ILE B 333 -10.77 9.50 1.69
N GLU B 334 -11.71 9.67 0.77
CA GLU B 334 -12.76 8.67 0.57
C GLU B 334 -13.19 8.65 -0.89
N ASP B 335 -13.54 7.47 -1.40
CA ASP B 335 -13.93 7.34 -2.82
C ASP B 335 -15.28 8.02 -3.07
N TYR B 336 -15.51 8.50 -4.28
CA TYR B 336 -16.83 9.04 -4.59
C TYR B 336 -17.97 8.02 -4.39
N LYS B 337 -17.76 6.77 -4.79
CA LYS B 337 -18.82 5.74 -4.68
C LYS B 337 -19.33 5.61 -3.24
N VAL B 338 -18.52 6.02 -2.25
CA VAL B 338 -18.91 5.95 -0.84
C VAL B 338 -19.56 7.26 -0.34
N LEU B 339 -18.86 8.36 -0.61
CA LEU B 339 -19.32 9.67 -0.17
C LEU B 339 -20.70 10.02 -0.73
N LYS B 340 -20.98 9.59 -1.97
CA LYS B 340 -22.27 9.83 -2.59
C LYS B 340 -23.42 9.35 -1.67
N ASN B 341 -23.11 8.36 -0.83
CA ASN B 341 -24.11 7.83 0.11
C ASN B 341 -23.88 8.31 1.55
N THR B 342 -22.67 8.18 2.07
CA THR B 342 -22.36 8.61 3.45
C THR B 342 -22.35 10.12 3.68
N CYS B 343 -22.18 10.92 2.65
CA CYS B 343 -22.06 12.37 2.84
C CYS B 343 -22.49 13.12 1.57
N PRO B 344 -23.79 13.16 1.33
CA PRO B 344 -24.35 13.71 0.09
C PRO B 344 -24.09 15.19 -0.03
N VAL B 345 -23.90 15.64 -1.26
CA VAL B 345 -23.56 17.02 -1.53
C VAL B 345 -24.55 18.04 -0.92
N THR B 346 -24.05 19.10 -0.29
CA THR B 346 -24.98 20.11 0.29
C THR B 346 -24.81 21.53 -0.26
N GLY B 347 -23.68 21.80 -0.90
CA GLY B 347 -23.52 23.06 -1.58
C GLY B 347 -22.54 22.97 -2.73
N THR B 348 -22.26 24.13 -3.33
CA THR B 348 -21.27 24.26 -4.38
C THR B 348 -20.43 25.50 -4.15
N VAL B 349 -19.15 25.40 -4.46
CA VAL B 349 -18.27 26.57 -4.48
C VAL B 349 -17.15 26.45 -5.52
N ALA B 350 -16.89 27.55 -6.23
CA ALA B 350 -15.74 27.65 -7.13
C ALA B 350 -15.68 26.55 -8.18
N GLY B 351 -16.84 26.11 -8.64
CA GLY B 351 -16.90 25.16 -9.73
C GLY B 351 -16.91 23.71 -9.32
N THR B 352 -16.81 23.45 -8.01
CA THR B 352 -16.91 22.10 -7.49
C THR B 352 -18.00 22.03 -6.38
N ALA B 353 -18.05 20.93 -5.62
CA ALA B 353 -19.12 20.70 -4.64
C ALA B 353 -18.54 20.42 -3.28
N TYR B 354 -19.32 20.72 -2.24
CA TYR B 354 -18.92 20.36 -0.88
C TYR B 354 -20.09 19.68 -0.18
N ALA B 355 -19.74 18.94 0.85
CA ALA B 355 -20.76 18.19 1.56
C ALA B 355 -20.57 18.30 3.08
N HIS B 356 -21.61 18.74 3.79
CA HIS B 356 -21.61 18.76 5.28
C HIS B 356 -22.50 17.65 5.79
N CYS B 357 -22.03 16.91 6.80
CA CYS B 357 -22.85 15.86 7.49
C CYS B 357 -22.24 15.50 8.84
N GLY B 358 -22.97 15.77 9.91
CA GLY B 358 -22.43 15.63 11.23
C GLY B 358 -21.38 16.70 11.40
N SER B 359 -20.19 16.29 11.83
CA SER B 359 -19.11 17.25 12.05
C SER B 359 -18.11 17.17 10.90
N ASN B 360 -18.45 16.42 9.84
CA ASN B 360 -17.52 16.32 8.71
C ASN B 360 -17.87 17.25 7.57
N LEU B 361 -16.83 17.73 6.92
CA LEU B 361 -16.98 18.46 5.68
C LEU B 361 -16.11 17.79 4.62
N TRP B 362 -16.73 17.30 3.55
CA TRP B 362 -15.98 16.74 2.41
C TRP B 362 -16.17 17.61 1.22
N SER B 363 -15.17 17.62 0.35
CA SER B 363 -15.37 18.28 -0.92
C SER B 363 -14.99 17.36 -2.05
N TYR B 364 -15.85 17.27 -3.05
CA TYR B 364 -15.57 16.39 -4.18
C TYR B 364 -16.41 16.72 -5.38
N ASP B 365 -16.08 16.09 -6.50
CA ASP B 365 -16.77 16.44 -7.72
C ASP B 365 -17.94 15.51 -7.92
N THR B 366 -18.99 16.05 -8.51
CA THR B 366 -20.24 15.36 -8.82
C THR B 366 -20.52 15.40 -10.30
N PRO B 367 -21.51 14.62 -10.75
CA PRO B 367 -21.82 14.75 -12.16
C PRO B 367 -22.17 16.16 -12.63
N ASP B 368 -22.81 16.99 -11.82
CA ASP B 368 -23.18 18.32 -12.34
C ASP B 368 -21.97 19.23 -12.42
N THR B 369 -21.05 19.14 -11.47
CA THR B 369 -19.90 20.00 -11.50
C THR B 369 -18.92 19.55 -12.60
N ILE B 370 -18.77 18.22 -12.78
CA ILE B 370 -17.93 17.70 -13.84
C ILE B 370 -18.43 18.19 -15.21
N ALA B 371 -19.73 18.15 -15.45
CA ALA B 371 -20.29 18.71 -16.68
C ALA B 371 -19.89 20.16 -16.91
N SER B 372 -19.94 20.98 -15.86
CA SER B 372 -19.66 22.41 -16.02
C SER B 372 -18.14 22.61 -16.21
N LYS B 373 -17.33 21.82 -15.50
CA LYS B 373 -15.88 21.75 -15.74
C LYS B 373 -15.52 21.37 -17.19
N MET B 374 -16.25 20.41 -17.78
CA MET B 374 -15.96 20.01 -19.16
C MET B 374 -16.32 21.13 -20.14
N ALA B 375 -17.41 21.84 -19.86
CA ALA B 375 -17.80 22.97 -20.69
C ALA B 375 -16.74 24.05 -20.63
N TRP B 376 -16.12 24.18 -19.48
CA TRP B 376 -15.02 25.11 -19.38
C TRP B 376 -13.80 24.64 -20.25
N ALA B 377 -13.45 23.35 -20.16
CA ALA B 377 -12.35 22.79 -20.94
C ALA B 377 -12.59 23.01 -22.41
N ASN B 378 -13.85 22.90 -22.82
CA ASN B 378 -14.12 23.09 -24.24
C ASN B 378 -13.89 24.53 -24.66
N ASP B 379 -14.28 25.49 -23.81
CA ASP B 379 -14.04 26.92 -24.06
C ASP B 379 -12.55 27.23 -24.12
N GLN B 380 -11.77 26.45 -23.37
CA GLN B 380 -10.33 26.62 -23.25
C GLN B 380 -9.53 25.93 -24.37
N GLY B 381 -10.22 25.07 -25.12
CA GLY B 381 -9.59 24.29 -26.18
C GLY B 381 -8.65 23.21 -25.66
N LEU B 382 -8.88 22.72 -24.44
CA LEU B 382 -8.09 21.62 -23.90
C LEU B 382 -8.30 20.38 -24.74
N ARG B 383 -7.35 19.45 -24.63
CA ARG B 383 -7.37 18.25 -25.47
C ARG B 383 -8.43 17.31 -24.95
N GLY B 384 -8.72 17.41 -23.67
CA GLY B 384 -9.71 16.56 -23.03
C GLY B 384 -9.61 16.55 -21.51
N ALA B 385 -10.00 15.46 -20.88
CA ALA B 385 -9.89 15.37 -19.44
C ALA B 385 -9.63 13.97 -19.00
N PHE B 386 -9.26 13.81 -17.73
CA PHE B 386 -8.94 12.48 -17.23
C PHE B 386 -9.35 12.24 -15.76
N ALA B 387 -9.39 10.97 -15.41
CA ALA B 387 -9.92 10.54 -14.14
C ALA B 387 -8.87 9.89 -13.23
N TRP B 388 -8.78 10.40 -12.02
CA TRP B 388 -7.93 9.81 -11.01
C TRP B 388 -8.82 9.41 -9.82
N ASP B 389 -9.18 8.13 -9.62
CA ASP B 389 -8.96 7.01 -10.55
C ASP B 389 -10.26 6.24 -10.71
N PHE B 390 -10.29 5.26 -11.61
CA PHE B 390 -11.52 4.60 -11.94
C PHE B 390 -12.22 3.98 -10.73
N SER B 391 -11.46 3.57 -9.71
CA SER B 391 -11.99 2.68 -8.67
C SER B 391 -12.91 3.47 -7.74
N GLY B 392 -12.79 4.77 -7.82
CA GLY B 392 -13.62 5.65 -7.02
C GLY B 392 -15.01 5.89 -7.59
N ASP B 393 -15.20 5.64 -8.89
CA ASP B 393 -16.47 5.84 -9.55
C ASP B 393 -17.45 4.79 -9.06
N THR B 394 -18.73 5.03 -9.31
CA THR B 394 -19.83 4.16 -8.91
C THR B 394 -19.97 2.99 -9.87
N ALA B 395 -20.86 2.05 -9.55
CA ALA B 395 -21.02 0.87 -10.38
C ALA B 395 -21.65 1.19 -11.73
N ASP B 396 -22.28 2.36 -11.84
CA ASP B 396 -22.96 2.79 -13.09
C ASP B 396 -22.08 3.81 -13.81
N GLY B 397 -20.85 3.95 -13.36
CA GLY B 397 -19.90 4.83 -14.01
C GLY B 397 -20.49 6.22 -14.25
N GLU B 398 -21.07 6.83 -13.22
CA GLU B 398 -21.81 8.06 -13.46
C GLU B 398 -20.88 9.24 -13.56
N LEU B 399 -19.72 9.16 -12.90
CA LEU B 399 -18.71 10.18 -13.02
C LEU B 399 -18.07 10.14 -14.40
N ILE B 400 -17.74 8.95 -14.88
CA ILE B 400 -17.03 8.86 -16.14
C ILE B 400 -18.04 9.22 -17.24
N ALA B 401 -19.31 8.90 -17.03
CA ALA B 401 -20.34 9.28 -18.00
C ALA B 401 -20.51 10.80 -18.10
N ALA B 402 -20.39 11.53 -16.99
CA ALA B 402 -20.44 13.00 -17.00
C ALA B 402 -19.28 13.61 -17.77
N LEU B 403 -18.08 13.17 -17.44
CA LEU B 403 -16.85 13.58 -18.12
C LEU B 403 -16.97 13.38 -19.64
N SER B 404 -17.41 12.19 -20.02
CA SER B 404 -17.54 11.83 -21.42
C SER B 404 -18.63 12.64 -22.18
N ASN B 405 -19.81 12.82 -21.58
CA ASN B 405 -20.91 13.53 -22.27
C ASN B 405 -20.65 15.01 -22.31
N GLY B 406 -19.78 15.45 -21.40
CA GLY B 406 -19.46 16.86 -21.25
C GLY B 406 -18.57 17.31 -22.38
N LEU B 407 -17.77 16.39 -22.88
CA LEU B 407 -16.73 16.77 -23.84
C LEU B 407 -17.11 16.78 -25.33
N ALA B 408 -16.35 17.64 -26.03
CA ALA B 408 -16.16 17.69 -27.49
C ALA B 408 -15.95 16.31 -28.14
C1 MLI C . -8.54 -8.65 8.00
C2 MLI C . -7.08 -8.34 7.76
C3 MLI C . -8.81 -9.81 8.91
O6 MLI C . -6.79 -7.57 6.83
O7 MLI C . -6.19 -8.83 8.46
O8 MLI C . -7.95 -10.14 9.74
O9 MLI C . -9.89 -10.41 8.83
C1 MLI D . -1.03 14.80 -1.67
C2 MLI D . -0.20 15.37 -0.55
C3 MLI D . -0.84 13.32 -1.86
O6 MLI D . 0.16 16.56 -0.64
O7 MLI D . 0.09 14.68 0.44
O8 MLI D . -1.03 12.86 -2.97
O9 MLI D . -0.50 12.60 -0.91
#